data_5WQA
#
_entry.id   5WQA
#
_cell.length_a   57.992
_cell.length_b   80.784
_cell.length_c   163.575
_cell.angle_alpha   90.00
_cell.angle_beta   90.00
_cell.angle_gamma   90.00
#
_symmetry.space_group_name_H-M   'P 21 21 21'
#
loop_
_entity.id
_entity.type
_entity.pdbx_description
1 polymer "cAMP-specific 3',5'-cyclic phosphodiesterase 4D"
2 non-polymer 1-[2-(4-hydroxyphenyl)ethynyl]-9,9-bis(4-methoxyphenyl)-7-oxidanyl-fluorene-2-carbaldehyde
3 non-polymer 'ZINC ION'
4 non-polymer 'MAGNESIUM ION'
5 water water
#
_entity_poly.entity_id   1
_entity_poly.type   'polypeptide(L)'
_entity_poly.pdbx_seq_one_letter_code
;IPRFGVKTEQEDVLAKELEDVNKWGLHVFRIAELSGNRPLTVIMHTIFQERDLLKTFKIPVDTLITYLMTLEDHYHADVA
YHNNIHAADVVQSTHVLLSTPALEAVFTDLEILAAIFASAIHDVDHPGVSNQFLINTNSELALMYNDSSVLENHHLAVGF
KLLQEENCDIFQNLTKKQRQSLRKMVIDIVLATDMSKHMNLLADLKTMVETKKVTSSGVLLLDNYSDRIQVLQNMVHCAD
LSNPTKPLQLYRQWTDRIMEEFFRQGDRERERGMEISPMCDKHNASVEKSQVGFIDYIVHPLWETWADLVHPDAQDILDT
LEDNREWYQSTIPQ
;
_entity_poly.pdbx_strand_id   A,B
#
loop_
_chem_comp.id
_chem_comp.type
_chem_comp.name
_chem_comp.formula
J20 non-polymer 1-[2-(4-hydroxyphenyl)ethynyl]-9,9-bis(4-methoxyphenyl)-7-oxidanyl-fluorene-2-carbaldehyde 'C36 H26 O5'
MG non-polymer 'MAGNESIUM ION' 'Mg 2'
ZN non-polymer 'ZINC ION' 'Zn 2'
#
# COMPACT_ATOMS: atom_id res chain seq x y z
N ILE A 1 -14.25 -35.19 17.04
CA ILE A 1 -13.65 -36.47 16.57
C ILE A 1 -13.42 -37.55 17.67
N PRO A 2 -13.01 -37.17 18.91
CA PRO A 2 -12.61 -38.24 19.84
C PRO A 2 -13.77 -39.05 20.44
N ARG A 3 -13.48 -40.30 20.80
CA ARG A 3 -14.49 -41.24 21.33
C ARG A 3 -13.98 -41.92 22.62
N PHE A 4 -14.43 -41.41 23.76
CA PHE A 4 -14.01 -41.90 25.09
C PHE A 4 -12.50 -41.86 25.31
N GLY A 5 -11.84 -40.83 24.77
CA GLY A 5 -10.40 -40.62 24.98
C GLY A 5 -9.49 -41.30 23.98
N VAL A 6 -9.67 -42.61 23.79
CA VAL A 6 -8.80 -43.41 22.94
C VAL A 6 -9.11 -43.14 21.46
N LYS A 7 -8.07 -43.17 20.62
CA LYS A 7 -8.13 -42.61 19.26
C LYS A 7 -8.79 -43.52 18.21
N THR A 8 -9.35 -42.89 17.18
CA THR A 8 -9.98 -43.56 16.04
C THR A 8 -8.92 -44.16 15.12
N GLU A 9 -9.39 -44.98 14.16
CA GLU A 9 -8.54 -45.54 13.10
C GLU A 9 -7.79 -44.45 12.33
N GLN A 10 -8.51 -43.42 11.89
CA GLN A 10 -7.90 -42.31 11.16
C GLN A 10 -7.05 -41.43 12.06
N GLU A 11 -7.63 -40.97 13.17
CA GLU A 11 -6.94 -40.13 14.14
C GLU A 11 -5.53 -40.64 14.45
N ASP A 12 -5.43 -41.95 14.65
CA ASP A 12 -4.16 -42.60 14.95
C ASP A 12 -3.16 -42.40 13.81
N VAL A 13 -3.64 -42.56 12.58
CA VAL A 13 -2.81 -42.41 11.38
C VAL A 13 -2.40 -40.95 11.18
N LEU A 14 -3.38 -40.04 11.30
CA LEU A 14 -3.11 -38.61 11.27
C LEU A 14 -2.05 -38.23 12.32
N ALA A 15 -2.25 -38.70 13.55
CA ALA A 15 -1.30 -38.44 14.65
C ALA A 15 0.08 -38.96 14.31
N LYS A 16 0.14 -40.13 13.67
CA LYS A 16 1.40 -40.68 13.19
C LYS A 16 2.08 -39.76 12.18
N GLU A 17 1.33 -39.32 11.17
CA GLU A 17 1.88 -38.43 10.13
C GLU A 17 2.33 -37.09 10.70
N LEU A 18 1.68 -36.62 11.76
CA LEU A 18 2.04 -35.33 12.37
C LEU A 18 3.34 -35.38 13.18
N GLU A 19 3.85 -36.59 13.42
CA GLU A 19 5.20 -36.75 13.98
C GLU A 19 6.29 -36.26 13.03
N ASP A 20 5.99 -36.14 11.74
CA ASP A 20 6.95 -35.69 10.73
C ASP A 20 7.03 -34.17 10.55
N VAL A 21 6.32 -33.44 11.39
CA VAL A 21 6.17 -31.99 11.24
C VAL A 21 7.49 -31.19 11.28
N ASN A 22 8.53 -31.76 11.86
CA ASN A 22 9.85 -31.14 11.85
C ASN A 22 10.68 -31.49 10.63
N LYS A 23 10.11 -32.29 9.72
CA LYS A 23 10.83 -32.78 8.55
C LYS A 23 10.36 -32.14 7.25
N TRP A 24 11.34 -31.87 6.40
CA TRP A 24 11.11 -31.44 5.04
C TRP A 24 10.45 -32.61 4.30
N GLY A 25 9.39 -32.35 3.56
CA GLY A 25 8.74 -33.41 2.81
C GLY A 25 7.69 -34.17 3.61
N LEU A 26 7.15 -33.50 4.63
CA LEU A 26 5.94 -33.95 5.29
C LEU A 26 4.94 -34.32 4.20
N HIS A 27 4.16 -35.38 4.41
CA HIS A 27 3.14 -35.77 3.44
C HIS A 27 1.93 -34.89 3.63
N VAL A 28 2.02 -33.66 3.15
CA VAL A 28 1.00 -32.66 3.46
C VAL A 28 -0.34 -33.00 2.81
N PHE A 29 -0.30 -33.69 1.67
CA PHE A 29 -1.55 -34.08 1.02
C PHE A 29 -2.24 -35.20 1.78
N ARG A 30 -1.47 -36.13 2.34
CA ARG A 30 -2.08 -37.17 3.18
C ARG A 30 -2.74 -36.57 4.41
N ILE A 31 -2.03 -35.65 5.05
CA ILE A 31 -2.56 -34.97 6.23
C ILE A 31 -3.87 -34.23 5.91
N ALA A 32 -3.97 -33.62 4.74
CA ALA A 32 -5.21 -32.96 4.34
C ALA A 32 -6.40 -33.93 4.25
N GLU A 33 -6.17 -35.08 3.62
CA GLU A 33 -7.21 -36.12 3.54
C GLU A 33 -7.57 -36.67 4.91
N LEU A 34 -6.55 -37.06 5.66
CA LEU A 34 -6.70 -37.66 6.97
C LEU A 34 -7.38 -36.71 7.97
N SER A 35 -7.14 -35.41 7.82
CA SER A 35 -7.71 -34.41 8.73
C SER A 35 -9.10 -33.91 8.32
N GLY A 36 -9.65 -34.45 7.24
CA GLY A 36 -10.95 -34.01 6.74
C GLY A 36 -10.86 -32.63 6.10
N ASN A 37 -9.83 -32.45 5.27
CA ASN A 37 -9.47 -31.17 4.69
C ASN A 37 -9.24 -30.04 5.69
N ARG A 38 -8.51 -30.35 6.77
CA ARG A 38 -8.12 -29.34 7.76
C ARG A 38 -6.60 -29.33 7.99
N PRO A 39 -5.81 -29.37 6.91
CA PRO A 39 -4.35 -29.39 7.11
C PRO A 39 -3.81 -28.18 7.86
N LEU A 40 -4.34 -26.98 7.55
CA LEU A 40 -3.84 -25.76 8.17
C LEU A 40 -4.06 -25.78 9.68
N THR A 41 -5.26 -26.19 10.09
CA THR A 41 -5.63 -26.23 11.50
C THR A 41 -4.74 -27.20 12.29
N VAL A 42 -4.65 -28.44 11.84
CA VAL A 42 -3.90 -29.46 12.59
C VAL A 42 -2.38 -29.23 12.56
N ILE A 43 -1.85 -28.71 11.46
CA ILE A 43 -0.42 -28.44 11.36
C ILE A 43 -0.05 -27.22 12.21
N MET A 44 -0.85 -26.16 12.16
CA MET A 44 -0.64 -25.00 13.05
C MET A 44 -0.72 -25.42 14.50
N HIS A 45 -1.77 -26.14 14.85
CA HIS A 45 -1.96 -26.61 16.21
C HIS A 45 -0.79 -27.48 16.65
N THR A 46 -0.35 -28.42 15.81
CA THR A 46 0.78 -29.28 16.15
C THR A 46 2.06 -28.46 16.38
N ILE A 47 2.28 -27.46 15.52
CA ILE A 47 3.48 -26.65 15.59
C ILE A 47 3.48 -25.75 16.82
N PHE A 48 2.32 -25.21 17.16
CA PHE A 48 2.20 -24.38 18.35
C PHE A 48 2.52 -25.17 19.62
N GLN A 49 2.09 -26.43 19.69
CA GLN A 49 2.36 -27.27 20.86
C GLN A 49 3.84 -27.60 20.93
N GLU A 50 4.39 -28.03 19.80
CA GLU A 50 5.82 -28.32 19.67
C GLU A 50 6.73 -27.16 20.11
N ARG A 51 6.39 -25.93 19.71
CA ARG A 51 7.16 -24.76 20.11
C ARG A 51 6.70 -24.17 21.46
N ASP A 52 5.68 -24.78 22.07
CA ASP A 52 5.19 -24.39 23.40
C ASP A 52 4.63 -22.96 23.39
N LEU A 53 3.98 -22.60 22.29
CA LEU A 53 3.54 -21.24 22.07
C LEU A 53 2.24 -20.92 22.80
N LEU A 54 1.39 -21.92 23.01
CA LEU A 54 0.18 -21.71 23.81
C LEU A 54 0.51 -21.24 25.24
N LYS A 55 1.56 -21.81 25.84
CA LYS A 55 1.98 -21.41 27.20
C LYS A 55 2.74 -20.09 27.20
N THR A 56 3.67 -19.91 26.26
CA THR A 56 4.46 -18.70 26.22
C THR A 56 3.57 -17.45 26.05
N PHE A 57 2.52 -17.56 25.24
CA PHE A 57 1.67 -16.41 24.97
C PHE A 57 0.25 -16.57 25.52
N LYS A 58 0.06 -17.51 26.43
CA LYS A 58 -1.23 -17.72 27.11
C LYS A 58 -2.39 -17.78 26.12
N ILE A 59 -2.24 -18.59 25.08
CA ILE A 59 -3.27 -18.74 24.07
C ILE A 59 -4.21 -19.86 24.50
N PRO A 60 -5.49 -19.54 24.76
CA PRO A 60 -6.40 -20.65 25.08
C PRO A 60 -6.55 -21.58 23.88
N VAL A 61 -6.44 -22.88 24.12
CA VAL A 61 -6.54 -23.90 23.07
C VAL A 61 -7.78 -23.75 22.20
N ASP A 62 -8.93 -23.47 22.83
CA ASP A 62 -10.20 -23.35 22.11
C ASP A 62 -10.24 -22.12 21.19
N THR A 63 -9.61 -21.04 21.62
CA THR A 63 -9.46 -19.85 20.79
C THR A 63 -8.55 -20.13 19.60
N LEU A 64 -7.44 -20.81 19.83
CA LEU A 64 -6.54 -21.17 18.72
C LEU A 64 -7.29 -21.97 17.66
N ILE A 65 -7.98 -23.02 18.10
CA ILE A 65 -8.70 -23.91 17.18
C ILE A 65 -9.78 -23.16 16.44
N THR A 66 -10.56 -22.34 17.16
CA THR A 66 -11.64 -21.58 16.57
C THR A 66 -11.13 -20.62 15.52
N TYR A 67 -10.02 -19.94 15.82
CA TYR A 67 -9.43 -19.03 14.84
C TYR A 67 -8.89 -19.80 13.63
N LEU A 68 -8.19 -20.90 13.87
CA LEU A 68 -7.60 -21.66 12.77
C LEU A 68 -8.66 -22.18 11.82
N MET A 69 -9.76 -22.69 12.36
CA MET A 69 -10.85 -23.18 11.53
C MET A 69 -11.48 -22.06 10.70
N THR A 70 -11.70 -20.90 11.33
CA THR A 70 -12.25 -19.76 10.61
C THR A 70 -11.31 -19.27 9.50
N LEU A 71 -10.01 -19.23 9.79
CA LEU A 71 -9.00 -18.81 8.81
C LEU A 71 -8.93 -19.78 7.64
N GLU A 72 -8.91 -21.06 7.96
CA GLU A 72 -8.88 -22.10 6.94
C GLU A 72 -10.12 -22.04 6.05
N ASP A 73 -11.29 -21.74 6.63
CA ASP A 73 -12.53 -21.63 5.85
C ASP A 73 -12.44 -20.55 4.79
N HIS A 74 -11.69 -19.50 5.09
CA HIS A 74 -11.55 -18.37 4.18
C HIS A 74 -10.51 -18.56 3.05
N TYR A 75 -9.78 -19.68 3.06
CA TYR A 75 -9.10 -20.14 1.84
C TYR A 75 -10.16 -20.83 0.98
N HIS A 76 -10.00 -20.74 -0.33
CA HIS A 76 -10.98 -21.25 -1.25
C HIS A 76 -10.72 -22.71 -1.57
N ALA A 77 -11.68 -23.56 -1.23
CA ALA A 77 -11.60 -24.99 -1.50
C ALA A 77 -11.65 -25.33 -3.00
N ASP A 78 -12.13 -24.39 -3.82
CA ASP A 78 -12.23 -24.59 -5.27
C ASP A 78 -11.09 -23.95 -6.07
N VAL A 79 -10.05 -23.49 -5.37
CA VAL A 79 -8.86 -22.99 -6.05
C VAL A 79 -7.80 -24.09 -5.93
N ALA A 80 -7.18 -24.43 -7.04
CA ALA A 80 -6.37 -25.65 -7.13
C ALA A 80 -5.05 -25.56 -6.36
N TYR A 81 -4.39 -24.41 -6.41
CA TYR A 81 -3.09 -24.24 -5.78
C TYR A 81 -3.12 -23.34 -4.55
N HIS A 82 -3.59 -22.11 -4.72
CA HIS A 82 -3.62 -21.13 -3.62
C HIS A 82 -4.73 -21.38 -2.62
N ASN A 83 -4.66 -22.51 -1.94
CA ASN A 83 -5.70 -22.94 -1.01
C ASN A 83 -5.10 -23.27 0.36
N ASN A 84 -5.91 -23.87 1.23
CA ASN A 84 -5.52 -24.22 2.58
C ASN A 84 -4.35 -25.21 2.66
N ILE A 85 -4.18 -26.05 1.65
CA ILE A 85 -3.09 -27.01 1.62
C ILE A 85 -1.77 -26.27 1.38
N HIS A 86 -1.81 -25.26 0.50
CA HIS A 86 -0.65 -24.41 0.26
C HIS A 86 -0.24 -23.69 1.53
N ALA A 87 -1.22 -23.12 2.25
CA ALA A 87 -0.96 -22.39 3.48
C ALA A 87 -0.36 -23.28 4.56
N ALA A 88 -0.91 -24.47 4.69
CA ALA A 88 -0.39 -25.44 5.64
C ALA A 88 1.07 -25.80 5.31
N ASP A 89 1.34 -25.95 4.02
CA ASP A 89 2.69 -26.30 3.54
C ASP A 89 3.71 -25.19 3.80
N VAL A 90 3.32 -23.94 3.56
CA VAL A 90 4.22 -22.81 3.79
C VAL A 90 4.50 -22.62 5.29
N VAL A 91 3.48 -22.80 6.12
CA VAL A 91 3.60 -22.80 7.59
C VAL A 91 4.60 -23.84 8.06
N GLN A 92 4.43 -25.07 7.61
CA GLN A 92 5.29 -26.17 7.98
C GLN A 92 6.71 -26.00 7.45
N SER A 93 6.82 -25.43 6.25
CA SER A 93 8.13 -25.18 5.66
C SER A 93 8.88 -24.08 6.43
N THR A 94 8.17 -23.00 6.76
CA THR A 94 8.72 -21.94 7.58
C THR A 94 9.15 -22.49 8.96
N HIS A 95 8.33 -23.36 9.54
CA HIS A 95 8.63 -24.02 10.81
C HIS A 95 9.99 -24.74 10.77
N VAL A 96 10.24 -25.52 9.73
CA VAL A 96 11.52 -26.21 9.58
C VAL A 96 12.64 -25.20 9.37
N LEU A 97 12.42 -24.20 8.51
CA LEU A 97 13.47 -23.23 8.25
C LEU A 97 13.86 -22.47 9.51
N LEU A 98 12.90 -22.23 10.39
CA LEU A 98 13.17 -21.59 11.68
C LEU A 98 14.09 -22.40 12.58
N SER A 99 14.06 -23.72 12.45
CA SER A 99 14.85 -24.61 13.30
C SER A 99 16.26 -24.87 12.79
N THR A 100 16.70 -24.12 11.78
CA THR A 100 17.98 -24.39 11.16
C THR A 100 19.12 -23.99 12.12
N PRO A 101 20.10 -24.89 12.35
CA PRO A 101 21.16 -24.62 13.32
C PRO A 101 21.81 -23.23 13.24
N ALA A 102 21.97 -22.71 12.03
CA ALA A 102 22.54 -21.38 11.83
C ALA A 102 21.71 -20.21 12.38
N LEU A 103 20.49 -20.47 12.85
CA LEU A 103 19.65 -19.43 13.46
C LEU A 103 19.22 -19.74 14.89
N GLU A 104 19.80 -20.78 15.49
CA GLU A 104 19.50 -21.15 16.88
C GLU A 104 19.57 -19.96 17.82
N ALA A 105 18.49 -19.74 18.56
CA ALA A 105 18.37 -18.65 19.52
C ALA A 105 18.50 -17.23 18.92
N VAL A 106 18.41 -17.08 17.61
CA VAL A 106 18.52 -15.75 17.00
C VAL A 106 17.22 -14.96 17.14
N PHE A 107 16.08 -15.62 16.94
CA PHE A 107 14.79 -14.94 16.96
C PHE A 107 14.07 -15.14 18.28
N THR A 108 13.38 -14.09 18.72
CA THR A 108 12.59 -14.16 19.94
C THR A 108 11.35 -15.00 19.67
N ASP A 109 10.72 -15.47 20.74
CA ASP A 109 9.43 -16.13 20.65
C ASP A 109 8.43 -15.34 19.79
N LEU A 110 8.43 -14.01 19.96
CA LEU A 110 7.49 -13.16 19.26
C LEU A 110 7.73 -13.12 17.75
N GLU A 111 8.99 -13.07 17.35
CA GLU A 111 9.37 -13.12 15.94
C GLU A 111 9.03 -14.48 15.30
N ILE A 112 9.32 -15.55 16.03
CA ILE A 112 8.90 -16.90 15.65
C ILE A 112 7.38 -16.97 15.44
N LEU A 113 6.63 -16.37 16.36
CA LEU A 113 5.17 -16.30 16.24
C LEU A 113 4.73 -15.53 15.00
N ALA A 114 5.37 -14.39 14.73
CA ALA A 114 5.03 -13.57 13.57
C ALA A 114 5.25 -14.30 12.26
N ALA A 115 6.35 -15.04 12.16
CA ALA A 115 6.71 -15.75 10.93
C ALA A 115 5.72 -16.88 10.65
N ILE A 116 5.38 -17.65 11.68
CA ILE A 116 4.39 -18.74 11.53
C ILE A 116 3.02 -18.17 11.20
N PHE A 117 2.57 -17.17 11.97
CA PHE A 117 1.26 -16.56 11.71
C PHE A 117 1.18 -15.97 10.31
N ALA A 118 2.20 -15.18 9.94
CA ALA A 118 2.28 -14.62 8.61
C ALA A 118 2.16 -15.71 7.54
N SER A 119 2.86 -16.82 7.74
CA SER A 119 2.81 -17.93 6.81
C SER A 119 1.39 -18.49 6.69
N ALA A 120 0.72 -18.65 7.83
CA ALA A 120 -0.65 -19.17 7.86
C ALA A 120 -1.65 -18.29 7.11
N ILE A 121 -1.48 -16.97 7.18
CA ILE A 121 -2.44 -16.06 6.55
C ILE A 121 -2.02 -15.57 5.15
N HIS A 122 -0.85 -15.99 4.67
CA HIS A 122 -0.18 -15.28 3.61
C HIS A 122 -0.91 -15.26 2.26
N ASP A 123 -1.76 -16.25 1.98
CA ASP A 123 -2.55 -16.29 0.73
C ASP A 123 -4.06 -16.41 0.99
N VAL A 124 -4.52 -16.04 2.19
CA VAL A 124 -5.92 -16.26 2.55
C VAL A 124 -6.90 -15.51 1.65
N ASP A 125 -7.98 -16.18 1.28
CA ASP A 125 -8.99 -15.63 0.36
C ASP A 125 -8.43 -15.32 -1.05
N HIS A 126 -7.41 -16.07 -1.47
CA HIS A 126 -6.86 -15.94 -2.83
C HIS A 126 -7.96 -16.45 -3.78
N PRO A 127 -8.35 -15.65 -4.79
CA PRO A 127 -9.42 -16.04 -5.74
C PRO A 127 -8.98 -16.89 -6.95
N GLY A 128 -7.69 -17.20 -7.04
CA GLY A 128 -7.17 -18.08 -8.09
C GLY A 128 -6.69 -17.35 -9.33
N VAL A 129 -6.52 -16.04 -9.21
CA VAL A 129 -6.03 -15.21 -10.30
C VAL A 129 -4.98 -14.23 -9.79
N SER A 130 -4.06 -13.82 -10.66
CA SER A 130 -2.93 -12.98 -10.29
C SER A 130 -3.30 -11.50 -10.04
N ASN A 131 -2.35 -10.79 -9.42
CA ASN A 131 -2.43 -9.34 -9.27
C ASN A 131 -2.64 -8.66 -10.63
N GLN A 132 -1.87 -9.08 -11.63
CA GLN A 132 -1.97 -8.46 -12.95
C GLN A 132 -3.34 -8.67 -13.57
N PHE A 133 -3.93 -9.86 -13.38
CA PHE A 133 -5.31 -10.10 -13.83
C PHE A 133 -6.29 -9.17 -13.12
N LEU A 134 -6.13 -9.06 -11.81
CA LEU A 134 -7.00 -8.22 -10.99
C LEU A 134 -6.87 -6.75 -11.40
N ILE A 135 -5.66 -6.31 -11.72
CA ILE A 135 -5.44 -4.95 -12.23
C ILE A 135 -6.07 -4.76 -13.62
N ASN A 136 -5.85 -5.70 -14.52
CA ASN A 136 -6.31 -5.58 -15.92
C ASN A 136 -7.81 -5.67 -16.10
N THR A 137 -8.51 -6.34 -15.20
CA THR A 137 -9.96 -6.45 -15.29
C THR A 137 -10.68 -5.42 -14.44
N ASN A 138 -9.93 -4.47 -13.90
CA ASN A 138 -10.48 -3.38 -13.09
C ASN A 138 -11.38 -3.90 -11.98
N SER A 139 -10.85 -4.84 -11.21
CA SER A 139 -11.56 -5.48 -10.12
C SER A 139 -11.73 -4.55 -8.93
N GLU A 140 -12.61 -4.94 -8.01
CA GLU A 140 -12.82 -4.24 -6.77
C GLU A 140 -11.56 -4.26 -5.88
N LEU A 141 -10.86 -5.38 -5.86
CA LEU A 141 -9.62 -5.48 -5.08
C LEU A 141 -8.55 -4.52 -5.57
N ALA A 142 -8.35 -4.47 -6.89
CA ALA A 142 -7.34 -3.58 -7.46
C ALA A 142 -7.71 -2.13 -7.20
N LEU A 143 -9.00 -1.83 -7.26
CA LEU A 143 -9.51 -0.49 -6.96
C LEU A 143 -9.28 -0.12 -5.49
N MET A 144 -9.52 -1.06 -4.58
CA MET A 144 -9.33 -0.79 -3.16
C MET A 144 -7.85 -0.51 -2.87
N TYR A 145 -6.97 -1.26 -3.51
CA TYR A 145 -5.56 -1.25 -3.15
C TYR A 145 -4.68 -0.50 -4.13
N ASN A 146 -5.29 0.21 -5.08
CA ASN A 146 -4.56 1.10 -5.99
C ASN A 146 -3.45 0.40 -6.77
N ASP A 147 -3.76 -0.80 -7.25
CA ASP A 147 -2.85 -1.60 -8.07
C ASP A 147 -1.55 -2.03 -7.41
N SER A 148 -1.42 -1.85 -6.09
CA SER A 148 -0.11 -2.09 -5.40
C SER A 148 -0.24 -3.26 -4.44
N SER A 149 0.50 -4.33 -4.69
CA SER A 149 0.43 -5.52 -3.83
C SER A 149 -1.03 -5.83 -3.46
N VAL A 150 -1.88 -5.93 -4.48
CA VAL A 150 -3.33 -6.01 -4.30
C VAL A 150 -3.73 -7.21 -3.45
N LEU A 151 -3.33 -8.40 -3.89
CA LEU A 151 -3.66 -9.62 -3.18
C LEU A 151 -3.03 -9.64 -1.78
N GLU A 152 -1.78 -9.20 -1.70
CA GLU A 152 -1.04 -9.33 -0.45
C GLU A 152 -1.62 -8.44 0.65
N ASN A 153 -1.98 -7.21 0.30
CA ASN A 153 -2.76 -6.36 1.21
C ASN A 153 -4.05 -7.01 1.68
N HIS A 154 -4.71 -7.70 0.76
CA HIS A 154 -5.97 -8.37 1.08
C HIS A 154 -5.76 -9.57 2.02
N HIS A 155 -4.75 -10.38 1.76
CA HIS A 155 -4.46 -11.50 2.63
C HIS A 155 -4.23 -11.01 4.07
N LEU A 156 -3.53 -9.90 4.23
CA LEU A 156 -3.31 -9.31 5.54
C LEU A 156 -4.62 -8.81 6.18
N ALA A 157 -5.41 -8.06 5.43
CA ALA A 157 -6.66 -7.47 5.93
C ALA A 157 -7.61 -8.53 6.46
N VAL A 158 -7.79 -9.60 5.68
CA VAL A 158 -8.62 -10.72 6.08
C VAL A 158 -8.03 -11.47 7.27
N GLY A 159 -6.72 -11.69 7.23
CA GLY A 159 -6.01 -12.37 8.30
C GLY A 159 -6.21 -11.75 9.67
N PHE A 160 -6.01 -10.43 9.77
CA PHE A 160 -6.19 -9.68 11.01
C PHE A 160 -7.67 -9.51 11.39
N LYS A 161 -8.52 -9.28 10.40
CA LYS A 161 -9.95 -9.07 10.60
C LYS A 161 -10.60 -10.26 11.33
N LEU A 162 -10.23 -11.47 10.94
CA LEU A 162 -10.81 -12.68 11.51
C LEU A 162 -10.48 -12.86 12.99
N LEU A 163 -9.41 -12.22 13.48
CA LEU A 163 -9.09 -12.25 14.90
C LEU A 163 -10.22 -11.66 15.76
N GLN A 164 -10.99 -10.74 15.19
CA GLN A 164 -12.06 -10.06 15.90
C GLN A 164 -13.39 -10.81 15.96
N GLU A 165 -13.47 -11.97 15.31
CA GLU A 165 -14.66 -12.82 15.34
C GLU A 165 -14.76 -13.50 16.69
N GLU A 166 -15.90 -14.13 16.98
CA GLU A 166 -16.15 -14.69 18.31
C GLU A 166 -15.11 -15.72 18.74
N ASN A 167 -14.48 -15.45 19.88
CA ASN A 167 -13.47 -16.33 20.44
C ASN A 167 -12.37 -16.68 19.43
N CYS A 168 -11.88 -15.65 18.72
CA CYS A 168 -10.85 -15.82 17.70
C CYS A 168 -9.56 -15.05 17.97
N ASP A 169 -9.52 -14.22 19.03
CA ASP A 169 -8.33 -13.40 19.24
C ASP A 169 -7.26 -14.21 19.95
N ILE A 170 -6.49 -14.92 19.14
CA ILE A 170 -5.41 -15.75 19.65
C ILE A 170 -4.32 -14.92 20.32
N PHE A 171 -4.29 -13.61 20.07
CA PHE A 171 -3.29 -12.73 20.67
C PHE A 171 -3.83 -11.92 21.87
N GLN A 172 -4.93 -12.36 22.46
CA GLN A 172 -5.64 -11.60 23.51
C GLN A 172 -4.82 -11.32 24.77
N ASN A 173 -3.82 -12.15 25.05
CA ASN A 173 -3.00 -11.99 26.26
C ASN A 173 -1.59 -11.48 26.01
N LEU A 174 -1.32 -11.01 24.80
CA LEU A 174 -0.06 -10.32 24.53
C LEU A 174 -0.18 -8.91 25.10
N THR A 175 0.96 -8.35 25.51
CA THR A 175 0.99 -6.95 25.91
C THR A 175 0.72 -6.08 24.70
N LYS A 176 0.41 -4.81 24.95
CA LYS A 176 0.16 -3.82 23.90
C LYS A 176 1.36 -3.69 22.98
N LYS A 177 2.55 -3.56 23.56
CA LYS A 177 3.79 -3.48 22.78
C LYS A 177 4.02 -4.70 21.88
N GLN A 178 3.76 -5.91 22.41
CA GLN A 178 3.89 -7.16 21.64
C GLN A 178 2.92 -7.22 20.46
N ARG A 179 1.67 -6.83 20.70
CA ARG A 179 0.67 -6.81 19.66
C ARG A 179 1.08 -5.87 18.53
N GLN A 180 1.53 -4.67 18.88
CA GLN A 180 2.02 -3.68 17.90
C GLN A 180 3.16 -4.25 17.05
N SER A 181 4.15 -4.76 17.76
CA SER A 181 5.37 -5.29 17.17
C SER A 181 5.07 -6.47 16.25
N LEU A 182 4.21 -7.38 16.71
CA LEU A 182 3.78 -8.53 15.92
C LEU A 182 3.03 -8.12 14.66
N ARG A 183 2.10 -7.18 14.82
CA ARG A 183 1.31 -6.69 13.71
C ARG A 183 2.23 -6.13 12.62
N LYS A 184 3.19 -5.28 13.01
CA LYS A 184 4.16 -4.68 12.06
C LYS A 184 4.98 -5.73 11.33
N MET A 185 5.50 -6.71 12.06
CA MET A 185 6.35 -7.75 11.49
C MET A 185 5.57 -8.57 10.48
N VAL A 186 4.35 -8.96 10.86
CA VAL A 186 3.48 -9.75 9.99
C VAL A 186 3.20 -9.01 8.68
N ILE A 187 2.95 -7.71 8.77
CA ILE A 187 2.72 -6.89 7.58
C ILE A 187 3.97 -6.85 6.70
N ASP A 188 5.12 -6.60 7.32
CA ASP A 188 6.38 -6.54 6.59
C ASP A 188 6.67 -7.86 5.89
N ILE A 189 6.35 -8.98 6.54
CA ILE A 189 6.61 -10.30 5.97
C ILE A 189 5.67 -10.61 4.80
N VAL A 190 4.36 -10.56 5.06
CA VAL A 190 3.39 -10.91 4.02
C VAL A 190 3.51 -9.98 2.81
N LEU A 191 3.73 -8.69 3.01
CA LEU A 191 3.89 -7.78 1.88
C LEU A 191 5.10 -8.14 1.01
N ALA A 192 6.10 -8.79 1.60
CA ALA A 192 7.28 -9.22 0.87
C ALA A 192 7.11 -10.50 0.06
N THR A 193 5.96 -11.18 0.21
CA THR A 193 5.62 -12.36 -0.61
C THR A 193 5.07 -11.98 -1.99
N ASP A 194 4.86 -10.70 -2.23
CA ASP A 194 4.46 -10.21 -3.54
C ASP A 194 5.57 -10.52 -4.54
N MET A 195 5.24 -11.31 -5.55
CA MET A 195 6.22 -11.79 -6.53
C MET A 195 6.92 -10.70 -7.33
N SER A 196 6.28 -9.54 -7.49
CA SER A 196 6.95 -8.40 -8.13
C SER A 196 8.15 -7.87 -7.31
N LYS A 197 8.27 -8.26 -6.05
CA LYS A 197 9.37 -7.82 -5.18
C LYS A 197 10.54 -8.79 -5.11
N HIS A 198 10.39 -9.95 -5.71
CA HIS A 198 11.39 -11.01 -5.62
C HIS A 198 12.80 -10.53 -5.93
N MET A 199 12.98 -9.84 -7.04
CA MET A 199 14.30 -9.44 -7.49
C MET A 199 14.97 -8.51 -6.47
N ASN A 200 14.25 -7.49 -6.02
CA ASN A 200 14.77 -6.58 -4.99
C ASN A 200 15.10 -7.30 -3.70
N LEU A 201 14.20 -8.18 -3.28
CA LEU A 201 14.39 -8.96 -2.06
C LEU A 201 15.60 -9.89 -2.18
N LEU A 202 15.79 -10.49 -3.35
CA LEU A 202 16.92 -11.41 -3.53
C LEU A 202 18.25 -10.65 -3.55
N ALA A 203 18.25 -9.52 -4.24
CA ALA A 203 19.43 -8.66 -4.32
C ALA A 203 19.88 -8.21 -2.93
N ASP A 204 18.94 -7.80 -2.07
CA ASP A 204 19.28 -7.44 -0.70
C ASP A 204 19.78 -8.63 0.12
N LEU A 205 19.18 -9.79 -0.09
CA LEU A 205 19.64 -10.99 0.62
C LEU A 205 21.10 -11.33 0.24
N LYS A 206 21.44 -11.21 -1.04
CA LYS A 206 22.81 -11.42 -1.52
C LYS A 206 23.80 -10.53 -0.78
N THR A 207 23.50 -9.24 -0.79
CA THR A 207 24.32 -8.26 -0.08
C THR A 207 24.57 -8.70 1.37
N MET A 208 23.51 -9.13 2.06
CA MET A 208 23.64 -9.63 3.43
C MET A 208 24.54 -10.86 3.52
N VAL A 209 24.43 -11.77 2.55
CA VAL A 209 25.29 -12.96 2.52
C VAL A 209 26.78 -12.59 2.36
N GLU A 210 27.07 -11.66 1.46
CA GLU A 210 28.45 -11.24 1.21
C GLU A 210 29.06 -10.57 2.45
N THR A 211 28.26 -9.81 3.18
CA THR A 211 28.70 -9.09 4.37
C THR A 211 28.25 -9.78 5.65
N LYS A 212 28.02 -11.08 5.54
CA LYS A 212 27.50 -11.93 6.62
C LYS A 212 28.42 -11.93 7.84
N LYS A 213 27.82 -11.88 9.02
CA LYS A 213 28.55 -11.99 10.29
C LYS A 213 27.91 -13.03 11.19
N VAL A 214 28.76 -13.83 11.85
CA VAL A 214 28.32 -14.91 12.74
C VAL A 214 29.00 -14.80 14.10
N THR A 215 28.38 -15.42 15.11
CA THR A 215 28.86 -15.34 16.50
C THR A 215 29.89 -16.45 16.79
N SER A 216 30.31 -16.54 18.05
CA SER A 216 31.31 -17.52 18.48
C SER A 216 30.84 -18.98 18.47
N SER A 217 29.75 -19.29 17.76
CA SER A 217 29.32 -20.69 17.60
C SER A 217 28.75 -21.00 16.21
N GLY A 218 29.12 -20.20 15.21
CA GLY A 218 28.60 -20.36 13.85
C GLY A 218 27.22 -19.76 13.60
N VAL A 219 26.58 -19.27 14.66
CA VAL A 219 25.21 -18.73 14.59
C VAL A 219 25.22 -17.33 14.00
N LEU A 220 24.22 -17.05 13.16
CA LEU A 220 24.15 -15.80 12.42
C LEU A 220 23.85 -14.63 13.37
N LEU A 221 24.54 -13.51 13.16
CA LEU A 221 24.37 -12.32 14.01
C LEU A 221 23.50 -11.27 13.35
N LEU A 222 22.44 -10.86 14.04
CA LEU A 222 21.52 -9.85 13.53
C LEU A 222 21.34 -8.72 14.54
N ASP A 223 21.77 -7.51 14.18
CA ASP A 223 21.87 -6.37 15.11
C ASP A 223 20.60 -5.58 15.29
N ASN A 224 19.79 -5.52 14.24
CA ASN A 224 18.76 -4.51 14.15
C ASN A 224 17.53 -5.06 13.44
N TYR A 225 16.41 -4.37 13.59
CA TYR A 225 15.16 -4.79 13.01
C TYR A 225 15.31 -5.04 11.51
N SER A 226 15.93 -4.08 10.81
CA SER A 226 16.12 -4.17 9.36
C SER A 226 16.68 -5.53 8.93
N ASP A 227 17.75 -5.96 9.57
CA ASP A 227 18.37 -7.25 9.25
C ASP A 227 17.52 -8.43 9.68
N ARG A 228 16.83 -8.30 10.81
CA ARG A 228 16.01 -9.39 11.35
C ARG A 228 14.79 -9.60 10.45
N ILE A 229 14.06 -8.52 10.16
CA ILE A 229 12.85 -8.61 9.35
C ILE A 229 13.20 -9.09 7.93
N GLN A 230 14.35 -8.66 7.43
CA GLN A 230 14.80 -9.08 6.11
C GLN A 230 15.00 -10.59 6.03
N VAL A 231 15.59 -11.19 7.06
CA VAL A 231 15.77 -12.64 7.06
C VAL A 231 14.42 -13.36 7.14
N LEU A 232 13.52 -12.88 8.01
CA LEU A 232 12.19 -13.48 8.11
C LEU A 232 11.37 -13.33 6.82
N GLN A 233 11.53 -12.21 6.13
CA GLN A 233 10.88 -11.99 4.82
C GLN A 233 11.34 -12.98 3.77
N ASN A 234 12.65 -13.18 3.69
CA ASN A 234 13.22 -14.14 2.74
C ASN A 234 12.93 -15.58 3.13
N MET A 235 12.88 -15.84 4.43
CA MET A 235 12.56 -17.18 4.94
C MET A 235 11.16 -17.61 4.48
N VAL A 236 10.20 -16.73 4.71
CA VAL A 236 8.83 -16.99 4.34
C VAL A 236 8.68 -17.03 2.81
N HIS A 237 9.40 -16.15 2.12
CA HIS A 237 9.44 -16.16 0.66
C HIS A 237 9.96 -17.49 0.10
N CYS A 238 11.01 -18.02 0.73
CA CYS A 238 11.58 -19.32 0.37
C CYS A 238 10.59 -20.45 0.59
N ALA A 239 9.87 -20.39 1.70
CA ALA A 239 8.86 -21.39 2.04
C ALA A 239 7.74 -21.38 1.00
N ASP A 240 7.39 -20.18 0.56
CA ASP A 240 6.37 -19.97 -0.47
C ASP A 240 6.84 -20.59 -1.79
N LEU A 241 8.13 -20.43 -2.09
CA LEU A 241 8.74 -21.01 -3.29
C LEU A 241 9.53 -22.27 -2.99
N SER A 242 8.98 -23.14 -2.14
CA SER A 242 9.68 -24.36 -1.73
C SER A 242 9.28 -25.62 -2.51
N ASN A 243 8.19 -25.58 -3.30
CA ASN A 243 7.69 -26.79 -3.99
C ASN A 243 8.80 -27.52 -4.79
N PRO A 244 9.60 -26.79 -5.60
CA PRO A 244 10.64 -27.48 -6.35
C PRO A 244 11.77 -28.12 -5.52
N THR A 245 11.80 -27.87 -4.21
CA THR A 245 12.84 -28.40 -3.33
C THR A 245 12.35 -29.63 -2.54
N LYS A 246 11.08 -30.01 -2.73
CA LYS A 246 10.50 -31.13 -2.01
C LYS A 246 10.69 -32.39 -2.83
N PRO A 247 10.57 -33.57 -2.18
CA PRO A 247 10.54 -34.83 -2.92
C PRO A 247 9.62 -34.76 -4.12
N LEU A 248 10.01 -35.43 -5.21
CA LEU A 248 9.38 -35.23 -6.51
C LEU A 248 7.89 -35.52 -6.52
N GLN A 249 7.43 -36.46 -5.69
CA GLN A 249 6.01 -36.81 -5.67
C GLN A 249 5.17 -35.64 -5.16
N LEU A 250 5.70 -34.92 -4.18
CA LEU A 250 5.07 -33.69 -3.68
C LEU A 250 5.17 -32.59 -4.72
N TYR A 251 6.36 -32.43 -5.31
CA TYR A 251 6.62 -31.37 -6.28
C TYR A 251 5.71 -31.48 -7.50
N ARG A 252 5.60 -32.67 -8.08
CA ARG A 252 4.71 -32.89 -9.22
C ARG A 252 3.25 -32.50 -8.97
N GLN A 253 2.71 -32.95 -7.84
CA GLN A 253 1.34 -32.62 -7.45
C GLN A 253 1.14 -31.10 -7.29
N TRP A 254 2.14 -30.41 -6.73
CA TRP A 254 2.10 -28.94 -6.67
C TRP A 254 2.06 -28.30 -8.06
N THR A 255 2.84 -28.86 -8.97
CA THR A 255 2.89 -28.36 -10.34
C THR A 255 1.58 -28.65 -11.08
N ASP A 256 1.03 -29.85 -10.90
CA ASP A 256 -0.26 -30.18 -11.51
C ASP A 256 -1.32 -29.16 -11.10
N ARG A 257 -1.31 -28.81 -9.81
CA ARG A 257 -2.29 -27.86 -9.26
C ARG A 257 -2.12 -26.43 -9.75
N ILE A 258 -0.89 -25.94 -9.82
CA ILE A 258 -0.66 -24.55 -10.23
C ILE A 258 -0.97 -24.38 -11.71
N MET A 259 -0.67 -25.40 -12.52
CA MET A 259 -0.97 -25.35 -13.94
C MET A 259 -2.49 -25.30 -14.15
N GLU A 260 -3.24 -26.07 -13.36
CA GLU A 260 -4.69 -26.02 -13.43
C GLU A 260 -5.23 -24.62 -13.11
N GLU A 261 -4.74 -24.00 -12.04
CA GLU A 261 -5.15 -22.64 -11.68
C GLU A 261 -4.77 -21.63 -12.77
N PHE A 262 -3.55 -21.74 -13.28
CA PHE A 262 -3.10 -20.87 -14.35
C PHE A 262 -3.97 -21.00 -15.60
N PHE A 263 -4.18 -22.24 -16.05
CA PHE A 263 -5.03 -22.48 -17.23
C PHE A 263 -6.43 -21.93 -17.04
N ARG A 264 -6.97 -22.06 -15.83
CA ARG A 264 -8.28 -21.54 -15.52
C ARG A 264 -8.34 -20.00 -15.62
N GLN A 265 -7.25 -19.31 -15.26
CA GLN A 265 -7.17 -17.85 -15.47
C GLN A 265 -7.12 -17.50 -16.96
N GLY A 266 -6.36 -18.28 -17.73
CA GLY A 266 -6.24 -18.06 -19.17
C GLY A 266 -7.53 -18.25 -19.93
N ASP A 267 -8.34 -19.23 -19.52
CA ASP A 267 -9.67 -19.43 -20.12
C ASP A 267 -10.50 -18.18 -19.88
N ARG A 268 -10.58 -17.75 -18.62
CA ARG A 268 -11.27 -16.51 -18.25
C ARG A 268 -10.80 -15.31 -19.05
N GLU A 269 -9.47 -15.19 -19.20
CA GLU A 269 -8.89 -14.14 -20.06
C GLU A 269 -9.41 -14.24 -21.50
N ARG A 270 -9.37 -15.44 -22.07
CA ARG A 270 -9.80 -15.68 -23.45
C ARG A 270 -11.28 -15.35 -23.68
N GLU A 271 -12.13 -15.65 -22.70
CA GLU A 271 -13.55 -15.31 -22.76
C GLU A 271 -13.83 -13.80 -22.78
N ARG A 272 -12.91 -13.00 -22.24
CA ARG A 272 -13.07 -11.54 -22.22
C ARG A 272 -12.39 -10.86 -23.41
N GLY A 273 -11.59 -11.62 -24.16
CA GLY A 273 -10.89 -11.09 -25.34
C GLY A 273 -9.53 -10.51 -25.04
N MET A 274 -9.00 -10.84 -23.86
CA MET A 274 -7.71 -10.32 -23.41
C MET A 274 -6.59 -11.20 -23.94
N GLU A 275 -5.37 -10.66 -23.95
CA GLU A 275 -4.19 -11.49 -24.18
C GLU A 275 -4.04 -12.46 -23.00
N ILE A 276 -3.59 -13.68 -23.30
CA ILE A 276 -3.41 -14.68 -22.27
C ILE A 276 -2.06 -14.46 -21.60
N SER A 277 -2.06 -14.39 -20.28
CA SER A 277 -0.84 -14.11 -19.52
C SER A 277 0.11 -15.28 -19.66
N PRO A 278 1.42 -15.02 -19.47
CA PRO A 278 2.38 -16.11 -19.42
C PRO A 278 1.89 -17.23 -18.51
N MET A 279 2.16 -18.48 -18.92
CA MET A 279 1.81 -19.70 -18.19
C MET A 279 0.33 -20.09 -18.19
N CYS A 280 -0.53 -19.26 -18.77
CA CYS A 280 -1.98 -19.47 -18.60
C CYS A 280 -2.70 -20.00 -19.85
N ASP A 281 -1.95 -20.27 -20.93
CA ASP A 281 -2.56 -20.76 -22.16
C ASP A 281 -2.38 -22.26 -22.31
N LYS A 282 -3.47 -23.01 -22.11
CA LYS A 282 -3.44 -24.47 -22.20
C LYS A 282 -3.18 -25.01 -23.62
N HIS A 283 -3.39 -24.17 -24.64
CA HIS A 283 -3.13 -24.56 -26.02
C HIS A 283 -1.68 -24.27 -26.41
N ASN A 284 -1.06 -23.25 -25.82
CA ASN A 284 0.37 -22.97 -25.97
C ASN A 284 1.09 -23.15 -24.63
N ALA A 285 1.19 -24.40 -24.18
CA ALA A 285 1.84 -24.72 -22.91
C ALA A 285 3.15 -25.48 -23.13
N SER A 286 4.02 -25.42 -22.14
CA SER A 286 5.28 -26.16 -22.14
C SER A 286 5.71 -26.42 -20.69
N VAL A 287 4.95 -27.30 -20.02
CA VAL A 287 4.99 -27.45 -18.56
C VAL A 287 6.39 -27.75 -18.02
N GLU A 288 7.06 -28.72 -18.65
CA GLU A 288 8.39 -29.14 -18.25
C GLU A 288 9.43 -28.04 -18.45
N LYS A 289 9.41 -27.42 -19.64
CA LYS A 289 10.37 -26.36 -19.97
C LYS A 289 10.19 -25.18 -19.03
N SER A 290 8.93 -24.90 -18.72
CA SER A 290 8.60 -23.82 -17.80
C SER A 290 9.15 -24.08 -16.39
N GLN A 291 8.95 -25.28 -15.86
CA GLN A 291 9.50 -25.60 -14.52
C GLN A 291 11.01 -25.47 -14.52
N VAL A 292 11.67 -25.95 -15.57
CA VAL A 292 13.12 -25.80 -15.72
C VAL A 292 13.48 -24.31 -15.72
N GLY A 293 12.71 -23.52 -16.47
CA GLY A 293 12.91 -22.07 -16.53
C GLY A 293 12.73 -21.37 -15.18
N PHE A 294 11.67 -21.75 -14.47
CA PHE A 294 11.37 -21.20 -13.15
C PHE A 294 12.46 -21.55 -12.13
N ILE A 295 12.94 -22.79 -12.17
CA ILE A 295 14.02 -23.19 -11.28
C ILE A 295 15.31 -22.41 -11.59
N ASP A 296 15.71 -22.37 -12.86
CA ASP A 296 16.99 -21.73 -13.21
C ASP A 296 17.02 -20.23 -12.91
N TYR A 297 15.94 -19.52 -13.23
CA TYR A 297 15.93 -18.04 -13.16
C TYR A 297 15.41 -17.45 -11.85
N ILE A 298 14.70 -18.26 -11.07
CA ILE A 298 14.00 -17.77 -9.89
C ILE A 298 14.32 -18.60 -8.65
N VAL A 299 13.87 -19.85 -8.64
CA VAL A 299 13.89 -20.69 -7.43
C VAL A 299 15.32 -21.07 -7.00
N HIS A 300 16.15 -21.51 -7.95
CA HIS A 300 17.52 -21.89 -7.61
C HIS A 300 18.37 -20.68 -7.14
N PRO A 301 18.30 -19.55 -7.86
CA PRO A 301 19.05 -18.39 -7.34
C PRO A 301 18.69 -18.02 -5.90
N LEU A 302 17.39 -18.10 -5.57
CA LEU A 302 16.91 -17.77 -4.23
C LEU A 302 17.41 -18.77 -3.20
N TRP A 303 17.15 -20.05 -3.43
CA TRP A 303 17.56 -21.09 -2.49
C TRP A 303 19.07 -21.27 -2.39
N GLU A 304 19.80 -20.90 -3.43
CA GLU A 304 21.26 -20.97 -3.40
C GLU A 304 21.79 -19.88 -2.46
N THR A 305 21.22 -18.68 -2.60
CA THR A 305 21.56 -17.59 -1.71
C THR A 305 21.15 -17.94 -0.27
N TRP A 306 19.96 -18.52 -0.08
CA TRP A 306 19.52 -18.90 1.26
C TRP A 306 20.48 -19.91 1.86
N ALA A 307 20.89 -20.89 1.05
CA ALA A 307 21.83 -21.91 1.48
C ALA A 307 23.19 -21.32 1.90
N ASP A 308 23.65 -20.29 1.19
CA ASP A 308 24.89 -19.59 1.57
C ASP A 308 24.76 -18.91 2.93
N LEU A 309 23.62 -18.25 3.16
CA LEU A 309 23.33 -17.62 4.43
C LEU A 309 23.47 -18.61 5.58
N VAL A 310 22.89 -19.80 5.42
CA VAL A 310 22.83 -20.81 6.49
C VAL A 310 23.82 -21.98 6.30
N HIS A 311 24.84 -21.80 5.46
CA HIS A 311 25.71 -22.90 5.04
C HIS A 311 26.30 -23.64 6.25
N PRO A 312 26.30 -24.98 6.26
CA PRO A 312 25.80 -25.84 5.19
C PRO A 312 24.42 -26.45 5.48
N ASP A 313 23.67 -25.83 6.39
CA ASP A 313 22.41 -26.39 6.91
C ASP A 313 21.41 -26.83 5.84
N ALA A 314 21.38 -26.13 4.72
CA ALA A 314 20.38 -26.34 3.68
C ALA A 314 20.89 -27.12 2.47
N GLN A 315 21.95 -27.91 2.63
CA GLN A 315 22.56 -28.59 1.48
C GLN A 315 21.65 -29.64 0.84
N ASP A 316 20.96 -30.41 1.69
CA ASP A 316 20.06 -31.47 1.23
C ASP A 316 18.85 -30.90 0.48
N ILE A 317 18.36 -29.76 0.95
CA ILE A 317 17.26 -29.06 0.29
C ILE A 317 17.70 -28.61 -1.09
N LEU A 318 18.92 -28.06 -1.17
CA LEU A 318 19.45 -27.56 -2.44
C LEU A 318 19.75 -28.72 -3.41
N ASP A 319 20.26 -29.84 -2.88
CA ASP A 319 20.53 -31.03 -3.69
C ASP A 319 19.24 -31.61 -4.31
N THR A 320 18.14 -31.61 -3.55
CA THR A 320 16.87 -32.14 -4.06
C THR A 320 16.37 -31.27 -5.19
N LEU A 321 16.37 -29.96 -4.97
CA LEU A 321 16.02 -29.00 -6.01
C LEU A 321 16.78 -29.25 -7.29
N GLU A 322 18.10 -29.38 -7.17
CA GLU A 322 18.96 -29.63 -8.33
C GLU A 322 18.59 -30.95 -9.01
N ASP A 323 18.35 -31.99 -8.22
CA ASP A 323 17.91 -33.29 -8.76
C ASP A 323 16.57 -33.15 -9.48
N ASN A 324 15.63 -32.42 -8.89
CA ASN A 324 14.33 -32.24 -9.50
C ASN A 324 14.42 -31.44 -10.79
N ARG A 325 15.38 -30.52 -10.85
CA ARG A 325 15.63 -29.74 -12.08
C ARG A 325 16.16 -30.65 -13.18
N GLU A 326 17.11 -31.50 -12.83
CA GLU A 326 17.61 -32.54 -13.74
C GLU A 326 16.46 -33.40 -14.27
N TRP A 327 15.56 -33.81 -13.38
CA TRP A 327 14.48 -34.69 -13.79
C TRP A 327 13.53 -34.02 -14.77
N TYR A 328 13.07 -32.81 -14.45
CA TYR A 328 12.19 -32.08 -15.39
C TYR A 328 12.87 -31.85 -16.73
N GLN A 329 14.16 -31.49 -16.70
CA GLN A 329 14.94 -31.32 -17.92
C GLN A 329 14.91 -32.59 -18.77
N SER A 330 15.17 -33.73 -18.13
CA SER A 330 15.19 -35.03 -18.81
C SER A 330 13.88 -35.39 -19.50
N THR A 331 12.78 -34.82 -19.03
CA THR A 331 11.46 -35.12 -19.59
C THR A 331 11.08 -34.23 -20.77
N ILE A 332 11.87 -33.18 -21.03
CA ILE A 332 11.49 -32.19 -22.05
C ILE A 332 11.29 -32.88 -23.40
N PRO A 333 10.05 -32.80 -23.96
CA PRO A 333 9.69 -33.58 -25.16
C PRO A 333 10.40 -33.11 -26.42
N GLN A 334 10.95 -34.07 -27.16
CA GLN A 334 11.72 -33.81 -28.38
C GLN A 334 10.86 -34.07 -29.61
N ILE B 1 -29.54 27.00 -11.69
CA ILE B 1 -29.37 28.35 -11.06
C ILE B 1 -29.60 29.57 -11.99
N PRO B 2 -29.19 29.50 -13.29
CA PRO B 2 -29.34 30.72 -14.09
C PRO B 2 -30.77 30.98 -14.57
N ARG B 3 -31.00 32.16 -15.15
CA ARG B 3 -32.36 32.59 -15.55
C ARG B 3 -32.43 32.98 -17.04
N PHE B 4 -32.89 32.03 -17.86
CA PHE B 4 -33.14 32.26 -19.30
C PHE B 4 -31.89 32.66 -20.10
N GLY B 5 -30.71 32.24 -19.64
CA GLY B 5 -29.45 32.58 -20.30
C GLY B 5 -28.65 33.65 -19.56
N VAL B 6 -29.31 34.73 -19.16
CA VAL B 6 -28.67 35.85 -18.47
C VAL B 6 -28.38 35.49 -17.01
N LYS B 7 -27.25 35.96 -16.48
CA LYS B 7 -26.80 35.59 -15.14
C LYS B 7 -27.48 36.39 -14.03
N THR B 8 -27.51 35.81 -12.83
CA THR B 8 -28.10 36.44 -11.65
C THR B 8 -27.06 37.40 -11.03
N GLU B 9 -27.17 37.69 -9.72
CA GLU B 9 -26.29 38.69 -9.08
C GLU B 9 -25.09 38.03 -8.42
N GLN B 10 -25.35 37.03 -7.58
CA GLN B 10 -24.29 36.28 -6.92
C GLN B 10 -23.39 35.59 -7.95
N GLU B 11 -24.01 35.04 -8.99
CA GLU B 11 -23.29 34.41 -10.09
C GLU B 11 -22.33 35.37 -10.78
N ASP B 12 -22.75 36.63 -10.93
CA ASP B 12 -21.94 37.62 -11.59
C ASP B 12 -20.74 38.04 -10.73
N VAL B 13 -20.95 38.07 -9.42
CA VAL B 13 -19.85 38.33 -8.48
C VAL B 13 -18.92 37.11 -8.47
N LEU B 14 -19.52 35.93 -8.27
CA LEU B 14 -18.81 34.66 -8.33
C LEU B 14 -17.93 34.59 -9.57
N ALA B 15 -18.53 34.86 -10.73
CA ALA B 15 -17.81 34.80 -12.01
C ALA B 15 -16.64 35.78 -12.07
N LYS B 16 -16.76 36.92 -11.39
CA LYS B 16 -15.69 37.92 -11.36
C LYS B 16 -14.63 37.65 -10.29
N GLU B 17 -15.01 36.91 -9.25
CA GLU B 17 -14.01 36.31 -8.35
C GLU B 17 -13.23 35.25 -9.11
N LEU B 18 -13.96 34.42 -9.87
CA LEU B 18 -13.35 33.35 -10.67
C LEU B 18 -12.42 33.83 -11.78
N GLU B 19 -12.56 35.09 -12.17
CA GLU B 19 -11.61 35.70 -13.12
C GLU B 19 -10.17 35.70 -12.60
N ASP B 20 -9.98 35.54 -11.29
CA ASP B 20 -8.65 35.44 -10.68
C ASP B 20 -8.12 34.01 -10.60
N VAL B 21 -8.80 33.05 -11.23
CA VAL B 21 -8.42 31.63 -11.18
C VAL B 21 -6.93 31.37 -11.39
N ASN B 22 -6.25 32.26 -12.10
CA ASN B 22 -4.84 32.08 -12.43
C ASN B 22 -3.85 32.75 -11.46
N LYS B 23 -4.36 33.35 -10.38
CA LYS B 23 -3.47 34.06 -9.43
C LYS B 23 -3.35 33.39 -8.07
N TRP B 24 -2.14 33.47 -7.52
CA TRP B 24 -1.86 33.07 -6.15
C TRP B 24 -2.61 33.99 -5.22
N GLY B 25 -3.45 33.41 -4.37
CA GLY B 25 -4.27 34.19 -3.45
C GLY B 25 -5.71 34.38 -3.88
N LEU B 26 -6.22 33.47 -4.70
CA LEU B 26 -7.65 33.44 -5.03
C LEU B 26 -8.47 33.54 -3.74
N HIS B 27 -9.64 34.18 -3.80
CA HIS B 27 -10.49 34.33 -2.63
C HIS B 27 -11.39 33.10 -2.46
N VAL B 28 -10.74 31.97 -2.18
CA VAL B 28 -11.39 30.65 -2.21
C VAL B 28 -12.57 30.56 -1.24
N PHE B 29 -12.44 31.19 -0.07
CA PHE B 29 -13.52 31.19 0.91
C PHE B 29 -14.75 31.93 0.40
N ARG B 30 -14.55 33.04 -0.31
CA ARG B 30 -15.67 33.79 -0.90
C ARG B 30 -16.32 33.00 -2.02
N ILE B 31 -15.52 32.40 -2.88
CA ILE B 31 -16.05 31.56 -3.95
C ILE B 31 -16.88 30.42 -3.36
N ALA B 32 -16.45 29.88 -2.22
CA ALA B 32 -17.21 28.85 -1.52
C ALA B 32 -18.57 29.41 -1.06
N GLU B 33 -18.53 30.53 -0.33
CA GLU B 33 -19.74 31.24 0.10
C GLU B 33 -20.70 31.49 -1.07
N LEU B 34 -20.17 32.05 -2.15
CA LEU B 34 -20.97 32.47 -3.30
C LEU B 34 -21.47 31.36 -4.21
N SER B 35 -20.89 30.17 -4.12
CA SER B 35 -21.27 29.06 -5.01
C SER B 35 -22.19 28.04 -4.33
N GLY B 36 -22.76 28.40 -3.17
CA GLY B 36 -23.56 27.47 -2.39
C GLY B 36 -22.73 26.31 -1.87
N ASN B 37 -21.53 26.64 -1.38
CA ASN B 37 -20.55 25.67 -0.90
C ASN B 37 -20.18 24.65 -1.99
N ARG B 38 -19.83 25.16 -3.16
CA ARG B 38 -19.39 24.33 -4.27
C ARG B 38 -18.11 24.85 -4.87
N PRO B 39 -17.13 25.23 -4.03
CA PRO B 39 -15.89 25.77 -4.57
C PRO B 39 -15.10 24.76 -5.41
N LEU B 40 -15.19 23.47 -5.08
CA LEU B 40 -14.44 22.47 -5.84
C LEU B 40 -15.05 22.34 -7.24
N THR B 41 -16.36 22.15 -7.30
CA THR B 41 -17.06 22.01 -8.58
C THR B 41 -16.79 23.19 -9.49
N VAL B 42 -17.03 24.41 -9.00
CA VAL B 42 -16.88 25.62 -9.82
C VAL B 42 -15.44 25.94 -10.19
N ILE B 43 -14.48 25.65 -9.32
CA ILE B 43 -13.07 25.95 -9.60
C ILE B 43 -12.48 24.92 -10.58
N MET B 44 -12.86 23.65 -10.43
CA MET B 44 -12.41 22.61 -11.37
C MET B 44 -13.03 22.85 -12.75
N HIS B 45 -14.34 23.14 -12.76
CA HIS B 45 -15.04 23.46 -14.00
C HIS B 45 -14.41 24.65 -14.69
N THR B 46 -14.06 25.68 -13.92
CA THR B 46 -13.39 26.87 -14.46
C THR B 46 -11.98 26.59 -14.95
N ILE B 47 -11.22 25.80 -14.21
CA ILE B 47 -9.86 25.43 -14.61
C ILE B 47 -9.86 24.46 -15.80
N PHE B 48 -10.91 23.66 -15.93
CA PHE B 48 -11.07 22.77 -17.08
C PHE B 48 -11.43 23.57 -18.35
N GLN B 49 -12.34 24.53 -18.20
CA GLN B 49 -12.73 25.44 -19.30
C GLN B 49 -11.54 26.30 -19.74
N GLU B 50 -10.71 26.70 -18.78
CA GLU B 50 -9.55 27.55 -19.04
C GLU B 50 -8.49 26.85 -19.88
N ARG B 51 -8.30 25.56 -19.64
CA ARG B 51 -7.28 24.78 -20.35
C ARG B 51 -7.84 23.96 -21.54
N ASP B 52 -9.14 24.11 -21.81
CA ASP B 52 -9.80 23.45 -22.94
C ASP B 52 -9.71 21.92 -22.87
N LEU B 53 -9.72 21.39 -21.65
CA LEU B 53 -9.60 19.95 -21.43
C LEU B 53 -10.89 19.22 -21.82
N LEU B 54 -12.00 19.94 -21.85
CA LEU B 54 -13.29 19.35 -22.23
C LEU B 54 -13.31 18.92 -23.70
N LYS B 55 -12.58 19.64 -24.55
CA LYS B 55 -12.48 19.29 -25.98
C LYS B 55 -11.26 18.42 -26.26
N THR B 56 -10.16 18.67 -25.57
CA THR B 56 -8.94 17.88 -25.73
C THR B 56 -9.14 16.40 -25.38
N PHE B 57 -10.03 16.13 -24.42
CA PHE B 57 -10.32 14.74 -24.00
C PHE B 57 -11.79 14.35 -24.16
N LYS B 58 -12.54 15.13 -24.95
CA LYS B 58 -13.95 14.86 -25.25
C LYS B 58 -14.77 14.59 -23.99
N ILE B 59 -14.62 15.45 -23.00
CA ILE B 59 -15.33 15.31 -21.73
C ILE B 59 -16.68 16.03 -21.81
N PRO B 60 -17.77 15.28 -22.04
CA PRO B 60 -19.06 15.96 -22.05
C PRO B 60 -19.25 16.79 -20.78
N VAL B 61 -19.66 18.05 -20.95
CA VAL B 61 -19.64 19.03 -19.87
C VAL B 61 -20.52 18.61 -18.67
N ASP B 62 -21.68 18.01 -18.95
CA ASP B 62 -22.57 17.56 -17.89
C ASP B 62 -22.00 16.37 -17.11
N THR B 63 -21.21 15.55 -17.78
CA THR B 63 -20.54 14.41 -17.14
C THR B 63 -19.47 14.89 -16.16
N LEU B 64 -18.70 15.89 -16.57
CA LEU B 64 -17.74 16.55 -15.68
C LEU B 64 -18.42 17.09 -14.42
N ILE B 65 -19.51 17.81 -14.59
CA ILE B 65 -20.21 18.48 -13.49
C ILE B 65 -20.76 17.46 -12.49
N THR B 66 -21.35 16.40 -13.03
CA THR B 66 -21.92 15.35 -12.21
C THR B 66 -20.84 14.73 -11.33
N TYR B 67 -19.70 14.40 -11.92
CA TYR B 67 -18.62 13.77 -11.17
C TYR B 67 -18.13 14.70 -10.08
N LEU B 68 -17.82 15.94 -10.46
CA LEU B 68 -17.31 16.95 -9.55
C LEU B 68 -18.23 17.18 -8.35
N MET B 69 -19.53 17.23 -8.59
CA MET B 69 -20.49 17.42 -7.52
C MET B 69 -20.59 16.20 -6.63
N THR B 70 -20.49 15.01 -7.21
CA THR B 70 -20.44 13.77 -6.43
C THR B 70 -19.15 13.72 -5.61
N LEU B 71 -18.03 14.06 -6.24
CA LEU B 71 -16.74 14.13 -5.56
C LEU B 71 -16.81 15.09 -4.38
N GLU B 72 -17.28 16.31 -4.67
CA GLU B 72 -17.44 17.34 -3.64
C GLU B 72 -18.32 16.89 -2.48
N ASP B 73 -19.36 16.12 -2.77
CA ASP B 73 -20.23 15.58 -1.72
C ASP B 73 -19.52 14.64 -0.77
N HIS B 74 -18.47 13.97 -1.26
CA HIS B 74 -17.74 13.01 -0.43
C HIS B 74 -16.66 13.66 0.43
N TYR B 75 -16.44 14.96 0.27
CA TYR B 75 -15.70 15.74 1.26
C TYR B 75 -16.66 16.11 2.38
N HIS B 76 -16.21 15.99 3.63
CA HIS B 76 -17.09 16.16 4.79
C HIS B 76 -17.28 17.66 5.12
N ALA B 77 -18.53 18.09 5.17
CA ALA B 77 -18.87 19.47 5.53
C ALA B 77 -18.59 19.81 6.99
N ASP B 78 -18.64 18.82 7.86
CA ASP B 78 -18.39 19.05 9.29
C ASP B 78 -16.91 18.89 9.69
N VAL B 79 -16.00 18.86 8.71
CA VAL B 79 -14.56 18.79 8.99
C VAL B 79 -13.93 20.14 8.65
N ALA B 80 -13.25 20.75 9.62
CA ALA B 80 -12.92 22.17 9.54
C ALA B 80 -11.83 22.49 8.52
N TYR B 81 -10.82 21.63 8.39
CA TYR B 81 -9.75 21.88 7.45
C TYR B 81 -9.79 20.99 6.20
N HIS B 82 -9.79 19.66 6.40
CA HIS B 82 -9.71 18.71 5.29
C HIS B 82 -11.04 18.48 4.59
N ASN B 83 -11.52 19.52 3.92
CA ASN B 83 -12.84 19.54 3.31
C ASN B 83 -12.72 19.95 1.85
N ASN B 84 -13.87 20.16 1.20
CA ASN B 84 -13.95 20.62 -0.18
C ASN B 84 -13.30 21.97 -0.48
N ILE B 85 -13.18 22.85 0.51
CA ILE B 85 -12.51 24.14 0.32
C ILE B 85 -10.99 23.94 0.23
N HIS B 86 -10.44 23.06 1.07
CA HIS B 86 -9.02 22.69 0.99
C HIS B 86 -8.74 22.08 -0.37
N ALA B 87 -9.62 21.18 -0.81
CA ALA B 87 -9.47 20.53 -2.09
C ALA B 87 -9.45 21.57 -3.22
N ALA B 88 -10.44 22.46 -3.22
CA ALA B 88 -10.55 23.53 -4.21
C ALA B 88 -9.28 24.38 -4.28
N ASP B 89 -8.73 24.66 -3.11
CA ASP B 89 -7.50 25.46 -2.96
C ASP B 89 -6.27 24.74 -3.49
N VAL B 90 -6.18 23.43 -3.25
CA VAL B 90 -5.03 22.65 -3.70
C VAL B 90 -5.10 22.49 -5.24
N VAL B 91 -6.31 22.27 -5.75
CA VAL B 91 -6.53 22.28 -7.19
C VAL B 91 -6.03 23.58 -7.82
N GLN B 92 -6.55 24.70 -7.33
CA GLN B 92 -6.22 26.02 -7.90
C GLN B 92 -4.73 26.32 -7.76
N SER B 93 -4.14 25.92 -6.64
CA SER B 93 -2.72 26.18 -6.39
C SER B 93 -1.82 25.34 -7.30
N THR B 94 -2.20 24.08 -7.50
CA THR B 94 -1.51 23.22 -8.46
C THR B 94 -1.65 23.80 -9.88
N HIS B 95 -2.85 24.28 -10.21
CA HIS B 95 -3.13 24.93 -11.48
C HIS B 95 -2.16 26.09 -11.79
N VAL B 96 -1.82 26.89 -10.78
CA VAL B 96 -0.92 28.03 -10.95
C VAL B 96 0.51 27.58 -11.16
N LEU B 97 0.95 26.62 -10.36
CA LEU B 97 2.32 26.12 -10.42
C LEU B 97 2.61 25.38 -11.74
N LEU B 98 1.53 25.00 -12.46
CA LEU B 98 1.61 24.45 -13.80
C LEU B 98 1.72 25.53 -14.89
N SER B 99 1.14 26.71 -14.64
CA SER B 99 1.17 27.83 -15.58
C SER B 99 2.49 28.61 -15.50
N THR B 100 3.40 28.18 -14.64
CA THR B 100 4.68 28.87 -14.49
C THR B 100 5.52 28.82 -15.78
N PRO B 101 6.19 29.94 -16.13
CA PRO B 101 7.10 30.00 -17.29
C PRO B 101 8.20 28.95 -17.35
N ALA B 102 8.86 28.65 -16.23
CA ALA B 102 9.95 27.66 -16.22
C ALA B 102 9.50 26.21 -16.44
N LEU B 103 8.19 25.98 -16.49
CA LEU B 103 7.65 24.66 -16.82
C LEU B 103 6.59 24.77 -17.92
N GLU B 104 6.77 25.69 -18.86
CA GLU B 104 5.83 25.85 -19.98
C GLU B 104 5.88 24.69 -20.95
N ALA B 105 4.73 24.06 -21.17
CA ALA B 105 4.61 22.92 -22.09
C ALA B 105 5.59 21.78 -21.77
N VAL B 106 6.01 21.67 -20.51
CA VAL B 106 6.90 20.58 -20.08
C VAL B 106 6.13 19.29 -19.84
N PHE B 107 4.82 19.44 -19.58
CA PHE B 107 3.94 18.31 -19.34
C PHE B 107 2.87 18.26 -20.42
N THR B 108 2.44 17.04 -20.78
CA THR B 108 1.40 16.85 -21.78
C THR B 108 0.03 17.15 -21.18
N ASP B 109 -0.98 17.32 -22.04
CA ASP B 109 -2.35 17.53 -21.55
C ASP B 109 -2.84 16.38 -20.64
N LEU B 110 -2.27 15.18 -20.77
CA LEU B 110 -2.60 14.06 -19.89
C LEU B 110 -1.95 14.22 -18.51
N GLU B 111 -0.67 14.58 -18.49
CA GLU B 111 0.05 14.78 -17.23
C GLU B 111 -0.55 15.94 -16.43
N ILE B 112 -0.94 17.00 -17.14
CA ILE B 112 -1.63 18.13 -16.54
C ILE B 112 -2.92 17.62 -15.91
N LEU B 113 -3.70 16.88 -16.70
CA LEU B 113 -4.96 16.33 -16.24
C LEU B 113 -4.79 15.51 -14.97
N ALA B 114 -3.67 14.79 -14.88
CA ALA B 114 -3.39 13.92 -13.74
C ALA B 114 -3.11 14.70 -12.48
N ALA B 115 -2.27 15.72 -12.59
CA ALA B 115 -1.93 16.58 -11.46
C ALA B 115 -3.15 17.30 -10.88
N ILE B 116 -4.04 17.78 -11.74
CA ILE B 116 -5.23 18.52 -11.32
C ILE B 116 -6.28 17.58 -10.73
N PHE B 117 -6.47 16.44 -11.39
CA PHE B 117 -7.39 15.41 -10.89
C PHE B 117 -6.89 14.88 -9.56
N ALA B 118 -5.58 14.64 -9.46
CA ALA B 118 -4.96 14.16 -8.23
C ALA B 118 -5.17 15.15 -7.10
N SER B 119 -4.91 16.43 -7.40
CA SER B 119 -5.15 17.51 -6.44
C SER B 119 -6.59 17.52 -5.94
N ALA B 120 -7.54 17.33 -6.85
CA ALA B 120 -8.95 17.42 -6.54
C ALA B 120 -9.45 16.29 -5.63
N ILE B 121 -8.92 15.08 -5.82
CA ILE B 121 -9.37 13.94 -5.04
C ILE B 121 -8.48 13.66 -3.82
N HIS B 122 -7.46 14.50 -3.62
CA HIS B 122 -6.30 14.10 -2.79
C HIS B 122 -6.60 13.94 -1.29
N ASP B 123 -7.72 14.48 -0.82
CA ASP B 123 -8.14 14.33 0.59
C ASP B 123 -9.59 13.88 0.71
N VAL B 124 -10.15 13.29 -0.35
CA VAL B 124 -11.58 13.04 -0.36
C VAL B 124 -11.98 12.03 0.72
N ASP B 125 -13.10 12.30 1.38
CA ASP B 125 -13.61 11.47 2.49
C ASP B 125 -12.68 11.46 3.70
N HIS B 126 -11.96 12.55 3.93
CA HIS B 126 -11.10 12.66 5.12
C HIS B 126 -12.02 12.75 6.34
N PRO B 127 -11.84 11.85 7.31
CA PRO B 127 -12.72 11.86 8.51
C PRO B 127 -12.33 12.90 9.56
N GLY B 128 -11.24 13.62 9.33
CA GLY B 128 -10.82 14.71 10.21
C GLY B 128 -9.81 14.29 11.26
N VAL B 129 -9.30 13.06 11.13
CA VAL B 129 -8.24 12.56 12.01
C VAL B 129 -7.08 11.99 11.20
N SER B 130 -5.93 11.90 11.86
CA SER B 130 -4.67 11.55 11.20
C SER B 130 -4.55 10.05 10.99
N ASN B 131 -3.55 9.67 10.18
CA ASN B 131 -3.23 8.26 9.99
C ASN B 131 -2.88 7.57 11.31
N GLN B 132 -2.05 8.22 12.12
CA GLN B 132 -1.63 7.65 13.40
C GLN B 132 -2.83 7.38 14.33
N PHE B 133 -3.80 8.28 14.36
CA PHE B 133 -5.01 8.08 15.15
C PHE B 133 -5.84 6.90 14.66
N LEU B 134 -5.95 6.77 13.34
CA LEU B 134 -6.63 5.64 12.72
C LEU B 134 -5.92 4.33 13.04
N ILE B 135 -4.58 4.37 13.01
CA ILE B 135 -3.76 3.21 13.40
C ILE B 135 -3.98 2.85 14.87
N ASN B 136 -3.80 3.82 15.77
CA ASN B 136 -3.91 3.59 17.23
C ASN B 136 -5.29 3.18 17.74
N THR B 137 -6.34 3.53 17.00
CA THR B 137 -7.69 3.15 17.37
C THR B 137 -8.16 1.89 16.66
N ASN B 138 -7.25 1.22 15.96
CA ASN B 138 -7.58 0.01 15.19
C ASN B 138 -8.84 0.18 14.38
N SER B 139 -8.86 1.24 13.58
CA SER B 139 -9.99 1.56 12.73
C SER B 139 -10.12 0.57 11.60
N GLU B 140 -11.30 0.57 10.99
CA GLU B 140 -11.56 -0.21 9.79
C GLU B 140 -10.65 0.23 8.63
N LEU B 141 -10.34 1.52 8.55
CA LEU B 141 -9.41 2.01 7.54
C LEU B 141 -8.00 1.43 7.70
N ALA B 142 -7.44 1.54 8.90
CA ALA B 142 -6.10 1.01 9.16
C ALA B 142 -6.03 -0.51 9.00
N LEU B 143 -7.13 -1.18 9.32
CA LEU B 143 -7.24 -2.62 9.12
C LEU B 143 -7.26 -2.93 7.62
N MET B 144 -8.05 -2.15 6.87
CA MET B 144 -8.10 -2.31 5.42
C MET B 144 -6.72 -2.10 4.78
N TYR B 145 -6.01 -1.06 5.19
CA TYR B 145 -4.78 -0.66 4.50
C TYR B 145 -3.48 -0.98 5.22
N ASN B 146 -3.52 -1.83 6.24
CA ASN B 146 -2.30 -2.33 6.89
C ASN B 146 -1.36 -1.22 7.37
N ASP B 147 -1.93 -0.17 7.95
CA ASP B 147 -1.18 0.96 8.54
C ASP B 147 -0.28 1.78 7.59
N SER B 148 -0.29 1.48 6.30
CA SER B 148 0.60 2.16 5.33
C SER B 148 -0.20 3.18 4.50
N SER B 149 0.15 4.45 4.60
CA SER B 149 -0.54 5.50 3.85
C SER B 149 -2.05 5.27 3.88
N VAL B 150 -2.58 5.14 5.10
CA VAL B 150 -3.96 4.69 5.30
C VAL B 150 -4.95 5.62 4.61
N LEU B 151 -4.88 6.91 4.88
CA LEU B 151 -5.85 7.88 4.33
C LEU B 151 -5.67 8.06 2.83
N GLU B 152 -4.41 8.06 2.38
CA GLU B 152 -4.08 8.39 1.00
C GLU B 152 -4.54 7.30 0.05
N ASN B 153 -4.42 6.06 0.48
CA ASN B 153 -4.99 4.93 -0.27
C ASN B 153 -6.50 5.08 -0.41
N HIS B 154 -7.14 5.49 0.69
CA HIS B 154 -8.58 5.66 0.71
C HIS B 154 -9.00 6.79 -0.21
N HIS B 155 -8.29 7.92 -0.14
CA HIS B 155 -8.59 9.08 -0.98
C HIS B 155 -8.65 8.65 -2.44
N LEU B 156 -7.60 7.94 -2.87
CA LEU B 156 -7.56 7.37 -4.22
C LEU B 156 -8.73 6.44 -4.55
N ALA B 157 -8.95 5.44 -3.70
CA ALA B 157 -9.99 4.45 -3.94
C ALA B 157 -11.36 5.11 -4.08
N VAL B 158 -11.68 6.07 -3.21
CA VAL B 158 -12.93 6.81 -3.34
C VAL B 158 -12.94 7.64 -4.63
N GLY B 159 -11.82 8.31 -4.89
CA GLY B 159 -11.67 9.15 -6.08
C GLY B 159 -11.98 8.43 -7.38
N PHE B 160 -11.38 7.25 -7.55
CA PHE B 160 -11.58 6.44 -8.75
C PHE B 160 -12.95 5.77 -8.76
N LYS B 161 -13.34 5.21 -7.62
CA LYS B 161 -14.64 4.55 -7.48
C LYS B 161 -15.83 5.43 -7.92
N LEU B 162 -15.80 6.71 -7.59
CA LEU B 162 -16.91 7.61 -7.95
C LEU B 162 -17.05 7.84 -9.46
N LEU B 163 -15.98 7.61 -10.22
CA LEU B 163 -16.07 7.67 -11.68
C LEU B 163 -17.07 6.67 -12.25
N GLN B 164 -17.34 5.60 -11.51
CA GLN B 164 -18.21 4.52 -11.96
C GLN B 164 -19.70 4.76 -11.65
N GLU B 165 -20.02 5.92 -11.09
CA GLU B 165 -21.41 6.27 -10.83
C GLU B 165 -22.06 6.77 -12.13
N GLU B 166 -23.39 6.76 -12.14
CA GLU B 166 -24.17 7.18 -13.32
C GLU B 166 -23.68 8.51 -13.91
N ASN B 167 -23.21 8.44 -15.16
CA ASN B 167 -22.74 9.62 -15.90
C ASN B 167 -21.67 10.41 -15.15
N CYS B 168 -20.66 9.69 -14.63
CA CYS B 168 -19.51 10.32 -13.93
C CYS B 168 -18.14 10.00 -14.55
N ASP B 169 -18.09 9.07 -15.52
CA ASP B 169 -16.80 8.64 -16.07
C ASP B 169 -16.23 9.69 -17.00
N ILE B 170 -15.55 10.68 -16.42
CA ILE B 170 -14.99 11.78 -17.18
C ILE B 170 -13.82 11.36 -18.06
N PHE B 171 -13.33 10.13 -17.88
CA PHE B 171 -12.23 9.60 -18.69
C PHE B 171 -12.71 8.59 -19.73
N GLN B 172 -13.99 8.64 -20.10
CA GLN B 172 -14.56 7.66 -21.02
C GLN B 172 -13.91 7.68 -22.40
N ASN B 173 -13.57 8.87 -22.90
CA ASN B 173 -13.00 9.02 -24.24
C ASN B 173 -11.47 9.12 -24.32
N LEU B 174 -10.78 8.84 -23.22
CA LEU B 174 -9.34 8.60 -23.27
C LEU B 174 -9.11 7.19 -23.82
N THR B 175 -7.97 6.96 -24.44
CA THR B 175 -7.60 5.63 -24.91
C THR B 175 -7.19 4.74 -23.73
N LYS B 176 -7.10 3.43 -23.99
CA LYS B 176 -6.83 2.46 -22.94
C LYS B 176 -5.49 2.75 -22.24
N LYS B 177 -4.46 3.01 -23.02
CA LYS B 177 -3.15 3.33 -22.46
C LYS B 177 -3.12 4.70 -21.79
N GLN B 178 -3.95 5.62 -22.30
CA GLN B 178 -4.10 6.94 -21.68
C GLN B 178 -4.69 6.80 -20.27
N ARG B 179 -5.79 6.05 -20.17
CA ARG B 179 -6.46 5.81 -18.90
C ARG B 179 -5.55 5.06 -17.92
N GLN B 180 -4.79 4.10 -18.43
CA GLN B 180 -3.78 3.39 -17.64
C GLN B 180 -2.69 4.30 -17.09
N SER B 181 -2.16 5.18 -17.94
CA SER B 181 -1.07 6.05 -17.53
C SER B 181 -1.57 7.09 -16.51
N LEU B 182 -2.71 7.71 -16.79
CA LEU B 182 -3.36 8.62 -15.86
C LEU B 182 -3.58 7.99 -14.49
N ARG B 183 -4.10 6.77 -14.46
CA ARG B 183 -4.32 6.06 -13.21
C ARG B 183 -3.02 5.91 -12.44
N LYS B 184 -1.96 5.46 -13.12
CA LYS B 184 -0.66 5.27 -12.48
C LYS B 184 -0.09 6.56 -11.88
N MET B 185 -0.23 7.65 -12.62
CA MET B 185 0.32 8.93 -12.19
C MET B 185 -0.44 9.47 -10.99
N VAL B 186 -1.77 9.48 -11.09
CA VAL B 186 -2.62 9.94 -10.00
C VAL B 186 -2.31 9.18 -8.69
N ILE B 187 -2.22 7.86 -8.76
CA ILE B 187 -1.80 7.04 -7.61
C ILE B 187 -0.44 7.50 -7.07
N ASP B 188 0.54 7.62 -7.96
CA ASP B 188 1.89 8.05 -7.61
C ASP B 188 1.91 9.43 -6.92
N ILE B 189 1.15 10.37 -7.46
CA ILE B 189 1.03 11.70 -6.86
C ILE B 189 0.35 11.65 -5.49
N VAL B 190 -0.84 11.05 -5.41
CA VAL B 190 -1.62 11.11 -4.18
C VAL B 190 -0.97 10.37 -3.01
N LEU B 191 -0.40 9.21 -3.30
CA LEU B 191 0.35 8.47 -2.28
C LEU B 191 1.50 9.29 -1.75
N ALA B 192 2.10 10.13 -2.59
CA ALA B 192 3.20 10.98 -2.14
C ALA B 192 2.77 12.20 -1.30
N THR B 193 1.46 12.41 -1.14
CA THR B 193 0.98 13.49 -0.26
C THR B 193 0.95 13.07 1.21
N ASP B 194 1.08 11.76 1.48
CA ASP B 194 1.27 11.24 2.84
C ASP B 194 2.39 12.02 3.52
N MET B 195 2.10 12.61 4.69
CA MET B 195 3.06 13.48 5.37
C MET B 195 4.29 12.74 5.93
N SER B 196 4.14 11.44 6.17
CA SER B 196 5.25 10.61 6.65
C SER B 196 6.39 10.48 5.62
N LYS B 197 6.09 10.76 4.35
CA LYS B 197 7.07 10.68 3.28
C LYS B 197 7.69 12.01 2.88
N HIS B 198 7.47 13.05 3.68
CA HIS B 198 7.94 14.41 3.38
C HIS B 198 9.45 14.47 3.20
N MET B 199 10.19 13.89 4.14
CA MET B 199 11.64 14.01 4.15
C MET B 199 12.30 13.36 2.93
N ASN B 200 11.87 12.16 2.57
CA ASN B 200 12.45 11.46 1.41
C ASN B 200 12.13 12.17 0.12
N LEU B 201 10.89 12.66 0.03
CA LEU B 201 10.45 13.44 -1.11
C LEU B 201 11.26 14.74 -1.25
N LEU B 202 11.61 15.36 -0.13
CA LEU B 202 12.43 16.60 -0.14
C LEU B 202 13.89 16.34 -0.57
N ALA B 203 14.49 15.31 0.02
CA ALA B 203 15.86 14.92 -0.33
C ALA B 203 15.98 14.65 -1.83
N ASP B 204 15.00 13.95 -2.39
CA ASP B 204 14.97 13.68 -3.83
C ASP B 204 14.76 14.95 -4.65
N LEU B 205 13.97 15.89 -4.16
CA LEU B 205 13.83 17.16 -4.86
C LEU B 205 15.13 17.95 -4.85
N LYS B 206 15.88 17.87 -3.74
CA LYS B 206 17.19 18.52 -3.64
C LYS B 206 18.17 17.92 -4.65
N THR B 207 18.26 16.60 -4.65
CA THR B 207 19.09 15.86 -5.60
C THR B 207 18.85 16.32 -7.04
N MET B 208 17.59 16.35 -7.46
CA MET B 208 17.21 16.85 -8.77
C MET B 208 17.70 18.28 -9.04
N VAL B 209 17.64 19.14 -8.02
CA VAL B 209 18.09 20.54 -8.15
C VAL B 209 19.60 20.65 -8.34
N GLU B 210 20.38 19.81 -7.66
CA GLU B 210 21.82 19.80 -7.82
C GLU B 210 22.24 19.43 -9.25
N THR B 211 21.60 18.40 -9.80
CA THR B 211 21.86 17.96 -11.18
C THR B 211 20.86 18.58 -12.17
N LYS B 212 20.20 19.65 -11.74
CA LYS B 212 19.26 20.42 -12.55
C LYS B 212 19.86 20.77 -13.91
N LYS B 213 19.01 20.86 -14.92
CA LYS B 213 19.43 21.36 -16.23
C LYS B 213 18.29 22.08 -16.94
N VAL B 214 18.62 23.22 -17.55
CA VAL B 214 17.63 24.08 -18.21
C VAL B 214 18.07 24.42 -19.62
N THR B 215 17.15 24.99 -20.40
CA THR B 215 17.40 25.32 -21.80
C THR B 215 18.27 26.56 -22.00
N SER B 216 18.57 27.27 -20.90
CA SER B 216 19.33 28.53 -20.94
C SER B 216 18.46 29.74 -21.28
N SER B 217 17.16 29.50 -21.53
CA SER B 217 16.17 30.58 -21.56
C SER B 217 15.17 30.43 -20.40
N GLY B 218 15.42 29.48 -19.50
CA GLY B 218 14.59 29.28 -18.30
C GLY B 218 13.89 27.94 -18.17
N VAL B 219 13.50 27.34 -19.30
CA VAL B 219 12.68 26.12 -19.29
C VAL B 219 13.47 24.89 -18.85
N LEU B 220 12.83 24.03 -18.05
CA LEU B 220 13.48 22.91 -17.36
C LEU B 220 13.55 21.65 -18.22
N LEU B 221 14.59 20.84 -17.99
CA LEU B 221 14.86 19.65 -18.80
C LEU B 221 14.79 18.34 -18.01
N LEU B 222 13.68 17.62 -18.22
CA LEU B 222 13.46 16.30 -17.65
C LEU B 222 13.20 15.32 -18.79
N ASP B 223 13.79 14.13 -18.71
CA ASP B 223 13.84 13.21 -19.86
C ASP B 223 13.00 11.92 -19.74
N ASN B 224 13.01 11.32 -18.55
CA ASN B 224 12.25 10.08 -18.30
C ASN B 224 11.01 10.34 -17.44
N TYR B 225 10.23 9.29 -17.22
CA TYR B 225 9.02 9.39 -16.38
C TYR B 225 9.38 9.62 -14.91
N SER B 226 10.43 8.96 -14.43
CA SER B 226 10.82 8.99 -13.02
C SER B 226 11.01 10.40 -12.46
N ASP B 227 11.49 11.32 -13.30
CA ASP B 227 11.72 12.69 -12.87
C ASP B 227 10.52 13.59 -13.14
N ARG B 228 9.79 13.32 -14.23
CA ARG B 228 8.56 14.07 -14.53
C ARG B 228 7.50 13.87 -13.45
N ILE B 229 7.38 12.64 -12.94
CA ILE B 229 6.41 12.32 -11.90
C ILE B 229 6.87 12.86 -10.56
N GLN B 230 8.18 12.82 -10.34
CA GLN B 230 8.79 13.30 -9.11
C GLN B 230 8.51 14.78 -8.89
N VAL B 231 8.61 15.56 -9.97
CA VAL B 231 8.32 16.98 -9.90
C VAL B 231 6.85 17.22 -9.62
N LEU B 232 5.99 16.42 -10.27
CA LEU B 232 4.56 16.54 -10.05
C LEU B 232 4.17 16.13 -8.62
N GLN B 233 4.88 15.15 -8.06
CA GLN B 233 4.69 14.76 -6.67
C GLN B 233 5.00 15.91 -5.71
N ASN B 234 6.15 16.55 -5.91
CA ASN B 234 6.53 17.71 -5.11
C ASN B 234 5.65 18.92 -5.36
N MET B 235 5.12 19.04 -6.57
CA MET B 235 4.26 20.15 -6.91
C MET B 235 2.93 20.10 -6.15
N VAL B 236 2.29 18.93 -6.14
CA VAL B 236 1.01 18.77 -5.45
C VAL B 236 1.26 18.84 -3.95
N HIS B 237 2.39 18.29 -3.51
CA HIS B 237 2.81 18.39 -2.13
C HIS B 237 3.00 19.86 -1.70
N CYS B 238 3.64 20.64 -2.56
CA CYS B 238 3.81 22.08 -2.34
C CYS B 238 2.47 22.80 -2.25
N ALA B 239 1.57 22.47 -3.17
CA ALA B 239 0.23 23.00 -3.17
C ALA B 239 -0.57 22.63 -1.91
N ASP B 240 -0.36 21.41 -1.41
CA ASP B 240 -0.97 20.93 -0.17
C ASP B 240 -0.43 21.76 1.01
N LEU B 241 0.87 22.04 0.99
CA LEU B 241 1.51 22.86 2.01
C LEU B 241 1.73 24.31 1.57
N SER B 242 0.74 24.91 0.92
CA SER B 242 0.87 26.29 0.41
C SER B 242 0.24 27.35 1.32
N ASN B 243 -0.55 26.93 2.31
CA ASN B 243 -1.25 27.88 3.20
C ASN B 243 -0.36 29.02 3.68
N PRO B 244 0.83 28.71 4.25
CA PRO B 244 1.68 29.81 4.76
C PRO B 244 2.33 30.71 3.70
N THR B 245 2.18 30.36 2.41
CA THR B 245 2.67 31.19 1.31
C THR B 245 1.60 32.10 0.70
N LYS B 246 0.35 31.97 1.16
CA LYS B 246 -0.75 32.81 0.67
C LYS B 246 -0.83 34.11 1.47
N PRO B 247 -1.59 35.12 0.96
CA PRO B 247 -1.79 36.35 1.72
C PRO B 247 -2.28 36.08 3.15
N LEU B 248 -1.79 36.88 4.09
CA LEU B 248 -2.03 36.65 5.51
C LEU B 248 -3.49 36.34 5.88
N GLN B 249 -4.44 37.12 5.36
CA GLN B 249 -5.86 36.95 5.70
C GLN B 249 -6.33 35.53 5.34
N LEU B 250 -5.76 34.95 4.27
CA LEU B 250 -6.09 33.58 3.90
C LEU B 250 -5.42 32.57 4.83
N TYR B 251 -4.11 32.75 5.02
CA TYR B 251 -3.31 31.87 5.88
C TYR B 251 -3.85 31.80 7.30
N ARG B 252 -4.26 32.95 7.84
CA ARG B 252 -4.84 32.99 9.19
C ARG B 252 -6.07 32.09 9.28
N GLN B 253 -6.97 32.19 8.31
CA GLN B 253 -8.16 31.35 8.28
C GLN B 253 -7.83 29.86 8.21
N TRP B 254 -6.92 29.49 7.32
CA TRP B 254 -6.48 28.09 7.21
C TRP B 254 -5.92 27.62 8.55
N THR B 255 -5.19 28.49 9.24
CA THR B 255 -4.62 28.13 10.55
C THR B 255 -5.73 27.94 11.61
N ASP B 256 -6.68 28.87 11.66
CA ASP B 256 -7.85 28.72 12.54
C ASP B 256 -8.56 27.38 12.31
N ARG B 257 -8.71 26.99 11.05
CA ARG B 257 -9.41 25.76 10.70
C ARG B 257 -8.66 24.48 11.06
N ILE B 258 -7.37 24.41 10.75
CA ILE B 258 -6.60 23.20 11.07
C ILE B 258 -6.44 23.00 12.58
N MET B 259 -6.28 24.09 13.32
CA MET B 259 -6.23 24.02 14.79
C MET B 259 -7.54 23.51 15.33
N GLU B 260 -8.67 24.00 14.80
CA GLU B 260 -9.98 23.47 15.19
C GLU B 260 -10.03 21.96 14.97
N GLU B 261 -9.55 21.51 13.81
CA GLU B 261 -9.57 20.09 13.45
C GLU B 261 -8.65 19.26 14.35
N PHE B 262 -7.45 19.77 14.61
CA PHE B 262 -6.54 19.11 15.53
C PHE B 262 -7.15 18.99 16.93
N PHE B 263 -7.71 20.08 17.44
CA PHE B 263 -8.29 20.09 18.80
C PHE B 263 -9.43 19.08 18.97
N ARG B 264 -10.33 18.99 17.98
CA ARG B 264 -11.38 17.98 18.01
C ARG B 264 -10.82 16.56 18.08
N GLN B 265 -9.75 16.30 17.34
CA GLN B 265 -9.06 15.01 17.44
C GLN B 265 -8.58 14.79 18.86
N GLY B 266 -7.93 15.81 19.42
CA GLY B 266 -7.39 15.74 20.78
C GLY B 266 -8.45 15.47 21.84
N ASP B 267 -9.63 16.08 21.67
CA ASP B 267 -10.77 15.82 22.54
C ASP B 267 -11.17 14.36 22.47
N ARG B 268 -11.29 13.85 21.24
CA ARG B 268 -11.66 12.46 21.02
C ARG B 268 -10.64 11.52 21.63
N GLU B 269 -9.36 11.87 21.53
CA GLU B 269 -8.30 11.12 22.18
C GLU B 269 -8.41 11.16 23.72
N ARG B 270 -8.85 12.29 24.27
CA ARG B 270 -9.02 12.43 25.72
C ARG B 270 -10.26 11.69 26.24
N GLU B 271 -11.35 11.70 25.46
CA GLU B 271 -12.56 10.93 25.78
C GLU B 271 -12.32 9.42 25.85
N ARG B 272 -11.33 8.93 25.09
CA ARG B 272 -10.99 7.51 25.06
C ARG B 272 -9.78 7.19 25.95
N GLY B 273 -9.32 8.16 26.73
CA GLY B 273 -8.14 7.98 27.56
C GLY B 273 -6.85 7.66 26.81
N MET B 274 -6.77 8.11 25.56
CA MET B 274 -5.57 7.94 24.77
C MET B 274 -4.62 9.08 25.06
N GLU B 275 -3.35 8.86 24.77
CA GLU B 275 -2.37 9.93 24.84
C GLU B 275 -2.75 10.96 23.77
N ILE B 276 -2.68 12.24 24.09
CA ILE B 276 -3.03 13.30 23.16
C ILE B 276 -1.85 13.54 22.23
N SER B 277 -2.12 13.58 20.92
CA SER B 277 -1.07 13.70 19.91
C SER B 277 -0.55 15.13 19.82
N PRO B 278 0.67 15.30 19.27
CA PRO B 278 1.17 16.64 19.01
C PRO B 278 0.13 17.54 18.33
N MET B 279 0.08 18.80 18.79
CA MET B 279 -0.77 19.84 18.19
C MET B 279 -2.26 19.71 18.53
N CYS B 280 -2.67 18.63 19.17
CA CYS B 280 -4.10 18.37 19.35
C CYS B 280 -4.63 18.67 20.77
N ASP B 281 -3.75 19.05 21.69
CA ASP B 281 -4.16 19.38 23.06
C ASP B 281 -4.47 20.88 23.20
N LYS B 282 -5.76 21.21 23.22
CA LYS B 282 -6.19 22.60 23.38
C LYS B 282 -5.80 23.24 24.72
N HIS B 283 -5.54 22.42 25.74
CA HIS B 283 -5.13 22.92 27.06
C HIS B 283 -3.62 23.13 27.19
N ASN B 284 -2.85 22.66 26.20
CA ASN B 284 -1.40 22.92 26.16
C ASN B 284 -0.94 23.32 24.75
N ALA B 285 -1.60 24.33 24.19
CA ALA B 285 -1.37 24.74 22.79
C ALA B 285 -0.44 25.95 22.68
N SER B 286 0.12 26.16 21.50
CA SER B 286 0.96 27.33 21.24
C SER B 286 0.96 27.62 19.75
N VAL B 287 -0.19 28.10 19.29
CA VAL B 287 -0.53 28.15 17.88
C VAL B 287 0.53 28.88 17.05
N GLU B 288 0.99 30.01 17.57
CA GLU B 288 1.90 30.88 16.83
C GLU B 288 3.33 30.36 16.83
N LYS B 289 3.79 29.83 17.95
CA LYS B 289 5.11 29.16 17.99
C LYS B 289 5.10 27.99 17.00
N SER B 290 4.00 27.23 17.00
CA SER B 290 3.86 26.05 16.17
C SER B 290 3.91 26.39 14.68
N GLN B 291 3.32 27.51 14.28
CA GLN B 291 3.36 27.93 12.88
C GLN B 291 4.77 28.32 12.45
N VAL B 292 5.47 29.04 13.33
CA VAL B 292 6.84 29.46 13.08
C VAL B 292 7.77 28.23 12.99
N GLY B 293 7.56 27.27 13.87
CA GLY B 293 8.29 26.00 13.82
C GLY B 293 7.97 25.26 12.54
N PHE B 294 6.68 25.15 12.23
CA PHE B 294 6.24 24.44 11.03
C PHE B 294 6.85 25.07 9.77
N ILE B 295 6.88 26.39 9.72
CA ILE B 295 7.52 27.09 8.61
C ILE B 295 9.03 26.82 8.58
N ASP B 296 9.69 27.00 9.71
CA ASP B 296 11.14 26.88 9.78
C ASP B 296 11.63 25.48 9.37
N TYR B 297 11.02 24.44 9.95
CA TYR B 297 11.49 23.07 9.79
C TYR B 297 10.88 22.27 8.62
N ILE B 298 9.69 22.69 8.15
CA ILE B 298 8.96 21.94 7.11
C ILE B 298 8.67 22.75 5.85
N VAL B 299 7.93 23.84 6.00
CA VAL B 299 7.37 24.57 4.85
C VAL B 299 8.41 25.36 4.08
N HIS B 300 9.31 26.04 4.79
CA HIS B 300 10.31 26.88 4.12
C HIS B 300 11.35 26.05 3.36
N PRO B 301 11.97 25.05 4.03
CA PRO B 301 12.88 24.16 3.29
C PRO B 301 12.27 23.63 2.00
N LEU B 302 11.00 23.21 2.06
CA LEU B 302 10.29 22.70 0.89
C LEU B 302 10.19 23.72 -0.23
N TRP B 303 9.66 24.90 0.10
CA TRP B 303 9.42 25.93 -0.89
C TRP B 303 10.69 26.63 -1.39
N GLU B 304 11.78 26.53 -0.62
CA GLU B 304 13.07 27.08 -1.05
C GLU B 304 13.64 26.22 -2.16
N THR B 305 13.64 24.90 -1.93
CA THR B 305 14.10 23.93 -2.93
C THR B 305 13.26 24.03 -4.22
N TRP B 306 11.95 24.16 -4.08
CA TRP B 306 11.11 24.36 -5.26
C TRP B 306 11.46 25.67 -5.99
N ALA B 307 11.70 26.74 -5.24
CA ALA B 307 12.05 28.03 -5.84
C ALA B 307 13.37 27.97 -6.62
N ASP B 308 14.36 27.25 -6.09
CA ASP B 308 15.59 26.94 -6.84
C ASP B 308 15.26 26.27 -8.17
N LEU B 309 14.50 25.18 -8.09
CA LEU B 309 14.12 24.39 -9.27
C LEU B 309 13.50 25.24 -10.37
N VAL B 310 12.66 26.21 -10.00
CA VAL B 310 11.96 27.05 -10.99
C VAL B 310 12.44 28.50 -11.01
N HIS B 311 13.68 28.73 -10.59
CA HIS B 311 14.23 30.09 -10.51
C HIS B 311 13.97 30.87 -11.81
N PRO B 312 13.43 32.10 -11.74
CA PRO B 312 13.10 32.80 -10.51
C PRO B 312 11.59 32.83 -10.23
N ASP B 313 10.83 31.90 -10.81
CA ASP B 313 9.37 32.07 -10.93
C ASP B 313 8.58 32.06 -9.62
N ALA B 314 9.11 31.42 -8.58
CA ALA B 314 8.40 31.28 -7.30
C ALA B 314 8.83 32.32 -6.26
N GLN B 315 9.46 33.41 -6.70
CA GLN B 315 10.06 34.38 -5.77
C GLN B 315 8.99 35.16 -5.00
N ASP B 316 7.92 35.57 -5.69
CA ASP B 316 6.79 36.24 -5.05
C ASP B 316 6.16 35.36 -3.98
N ILE B 317 5.99 34.08 -4.32
CA ILE B 317 5.47 33.07 -3.39
C ILE B 317 6.38 32.95 -2.16
N LEU B 318 7.69 32.86 -2.39
CA LEU B 318 8.66 32.71 -1.31
C LEU B 318 8.75 33.97 -0.43
N ASP B 319 8.51 35.14 -1.04
CA ASP B 319 8.54 36.40 -0.30
C ASP B 319 7.35 36.49 0.67
N THR B 320 6.16 36.15 0.18
CA THR B 320 4.96 36.11 1.01
C THR B 320 5.16 35.19 2.22
N LEU B 321 5.80 34.04 1.99
CA LEU B 321 6.05 33.07 3.06
C LEU B 321 6.90 33.67 4.16
N GLU B 322 7.95 34.38 3.78
CA GLU B 322 8.88 34.95 4.75
C GLU B 322 8.28 36.12 5.54
N ASP B 323 7.34 36.84 4.93
CA ASP B 323 6.59 37.91 5.60
C ASP B 323 5.63 37.34 6.63
N ASN B 324 4.96 36.26 6.26
CA ASN B 324 3.99 35.61 7.12
C ASN B 324 4.69 34.99 8.31
N ARG B 325 5.87 34.43 8.06
CA ARG B 325 6.69 33.86 9.12
C ARG B 325 7.07 34.95 10.13
N GLU B 326 7.60 36.06 9.61
CA GLU B 326 7.97 37.22 10.44
C GLU B 326 6.77 37.78 11.21
N TRP B 327 5.60 37.82 10.56
CA TRP B 327 4.37 38.31 11.23
C TRP B 327 3.98 37.42 12.40
N TYR B 328 3.86 36.11 12.14
CA TYR B 328 3.56 35.17 13.21
C TYR B 328 4.55 35.27 14.39
N GLN B 329 5.84 35.40 14.08
CA GLN B 329 6.86 35.57 15.12
C GLN B 329 6.57 36.80 15.99
N SER B 330 6.22 37.90 15.34
CA SER B 330 5.89 39.14 16.05
C SER B 330 4.65 39.04 16.96
N THR B 331 3.76 38.07 16.69
CA THR B 331 2.62 37.84 17.58
C THR B 331 3.03 37.09 18.87
N ILE B 332 4.26 36.60 18.93
CA ILE B 332 4.77 35.92 20.10
C ILE B 332 5.49 36.95 20.99
N PRO B 333 4.99 37.16 22.21
CA PRO B 333 5.65 38.11 23.12
C PRO B 333 6.92 37.49 23.70
N GLN B 334 7.57 38.22 24.60
CA GLN B 334 8.75 37.69 25.29
C GLN B 334 8.70 38.02 26.78
O41 J20 C . 6.34 -22.58 -12.06
C40 J20 C . 5.93 -21.45 -11.82
C12 J20 C . 6.10 -20.37 -12.82
C13 J20 C . 5.70 -19.05 -12.54
C16 J20 C . 5.11 -18.74 -11.43
C17 J20 C . 4.57 -18.48 -10.40
C18 J20 C . 3.95 -18.22 -9.30
C19 J20 C . 3.06 -17.15 -9.18
C20 J20 C . 2.42 -16.91 -7.96
C21 J20 C . 2.65 -17.74 -6.88
O39 J20 C . 2.02 -17.53 -5.69
C22 J20 C . 3.53 -18.81 -7.00
C23 J20 C . 4.17 -19.04 -8.21
C8 J20 C . 5.88 -18.05 -13.51
C7 J20 C . 6.49 -18.39 -14.71
C10 J20 C . 6.89 -19.68 -15.00
C11 J20 C . 6.70 -20.68 -14.04
C9 J20 C . 5.58 -16.56 -13.52
C5 J20 C . 6.06 -16.19 -14.89
C6 J20 C . 6.06 -14.95 -15.52
C1 J20 C . 6.60 -14.84 -16.79
O37 J20 C . 6.59 -13.62 -17.39
C2 J20 C . 7.13 -15.95 -17.45
C3 J20 C . 7.14 -17.20 -16.81
C4 J20 C . 6.59 -17.29 -15.54
C14 J20 C . 4.12 -16.26 -13.32
C29 J20 C . 3.16 -17.17 -13.73
C30 J20 C . 1.80 -16.93 -13.56
C31 J20 C . 1.36 -15.73 -12.99
O34 J20 C . 0.04 -15.44 -12.80
C38 J20 C . -1.05 -16.14 -13.42
C32 J20 C . 2.31 -14.81 -12.57
C33 J20 C . 3.67 -15.06 -12.74
C15 J20 C . 6.52 -15.90 -12.52
C24 J20 C . 6.14 -15.66 -11.19
C25 J20 C . 7.01 -15.06 -10.29
C26 J20 C . 8.28 -14.68 -10.68
O35 J20 C . 9.13 -14.06 -9.82
C36 J20 C . 9.82 -14.70 -8.75
C27 J20 C . 8.68 -14.89 -11.99
C28 J20 C . 7.81 -15.51 -12.89
ZN ZN D . 1.79 -18.49 -1.43
MG MG E . 0.81 -14.89 -2.43
O41 J20 F . 0.85 23.85 11.05
C40 J20 F . 0.96 22.65 10.83
C12 J20 F . 1.70 21.77 11.77
C13 J20 F . 1.72 20.39 11.59
C16 J20 F . 1.06 19.87 10.62
C17 J20 F . 0.42 19.38 9.76
C18 J20 F . -0.31 18.89 8.82
C19 J20 F . -0.85 17.61 8.95
C20 J20 F . -1.67 17.09 7.94
C21 J20 F . -1.96 17.85 6.81
O39 J20 F . -2.76 17.34 5.84
C22 J20 F . -1.43 19.13 6.69
C23 J20 F . -0.62 19.65 7.69
C8 J20 F . 2.39 19.57 12.52
C7 J20 F . 3.06 20.18 13.58
C10 J20 F . 3.07 21.55 13.76
C11 J20 F . 2.38 22.35 12.85
C9 J20 F . 2.62 18.06 12.60
C5 J20 F . 3.43 17.97 13.86
C6 J20 F . 3.97 16.85 14.49
C1 J20 F . 4.73 17.03 15.65
O37 J20 F . 5.24 15.93 16.26
C2 J20 F . 4.96 18.30 16.17
C3 J20 F . 4.44 19.43 15.53
C4 J20 F . 3.68 19.23 14.37
C14 J20 F . 1.32 17.28 12.70
C29 J20 F . 0.21 17.87 13.28
C30 J20 F . -0.99 17.18 13.39
C31 J20 F . -1.12 15.88 12.92
O34 J20 F . -2.31 15.23 13.03
C38 J20 F . -3.06 15.24 14.23
C32 J20 F . -0.01 15.28 12.34
C33 J20 F . 1.20 15.96 12.23
C15 J20 F . 3.51 17.74 11.42
C24 J20 F . 2.97 17.34 10.18
C25 J20 F . 3.78 17.04 9.11
C26 J20 F . 5.17 17.15 9.20
O35 J20 F . 5.97 16.87 8.14
C36 J20 F . 5.63 17.34 6.82
C27 J20 F . 5.73 17.56 10.41
C28 J20 F . 4.90 17.85 11.50
MG MG G . -3.88 14.48 2.82
ZN ZN H . -4.38 18.00 1.77
#